data_7NTR
#
_entry.id   7NTR
#
_cell.length_a   66.844
_cell.length_b   103.795
_cell.length_c   110.158
_cell.angle_alpha   90.000
_cell.angle_beta   90.000
_cell.angle_gamma   90.000
#
_symmetry.space_group_name_H-M   'P 21 21 21'
#
loop_
_entity.id
_entity.type
_entity.pdbx_description
1 polymer 'Branched-chain-amino-acid aminotransferase, cytosolic'
2 non-polymer 'HYDROCINNAMIC ACID'
3 non-polymer "PYRIDOXAL-5'-PHOSPHATE"
4 non-polymer 'MAGNESIUM ION'
5 water water
#
_entity_poly.entity_id   1
_entity_poly.type   'polypeptide(L)'
_entity_poly.pdbx_seq_one_letter_code
;GPGMKDCSNGCSAECTGEGGSKEVVGTFKAKDLIVTPATILKEKPDPNNLVFGTVFTDHMLTVEWSSEFGWEKPHIKPLQ
NLSLHPGSSALHYAVELFEGLKAFRGVDNKIRLFQPNLNMDRMYRSAVRATLPVFDKEELLECIQQLVKLDQEWVPYSTS
ASLYIRPTFIGTEPSLGVKKPTKALLFVLLSPVGPYFSSGTFNPVSLWANPKYVRAWKGGTGDCKMGGNYGSSLFAQCEA
VDNGCQQVLWLYGEDHQITEVGTMNLFLYWINEDGEEELATPPLDGIILPGVTRRCILDLAHQWGEFKVSERYLTMDDLT
TALEGNRVREMFGSGTACVVCPVSDILYKGETIHIPTMENGPKLASRILSKLTDIQYGREERDWTIVLS
;
_entity_poly.pdbx_strand_id   A,B
#
loop_
_chem_comp.id
_chem_comp.type
_chem_comp.name
_chem_comp.formula
HCI non-polymer 'HYDROCINNAMIC ACID' 'C9 H10 O2'
MG non-polymer 'MAGNESIUM ION' 'Mg 2'
PLP non-polymer PYRIDOXAL-5'-PHOSPHATE 'C8 H10 N O6 P'
#
# COMPACT_ATOMS: atom_id res chain seq x y z
N VAL A 25 2.34 7.48 25.75
CA VAL A 25 3.31 7.97 24.73
C VAL A 25 4.77 7.94 25.25
N GLY A 26 5.72 7.67 24.34
CA GLY A 26 7.14 7.63 24.67
C GLY A 26 8.02 7.08 23.56
N THR A 27 9.14 6.46 23.94
CA THR A 27 10.21 6.05 23.02
C THR A 27 11.12 4.97 23.63
N PHE A 28 11.73 4.15 22.79
CA PHE A 28 12.87 3.31 23.23
C PHE A 28 14.08 4.22 23.42
N LYS A 29 15.12 3.72 24.06
CA LYS A 29 16.32 4.54 24.33
C LYS A 29 17.57 3.77 24.04
N ALA A 30 18.46 4.42 23.30
CA ALA A 30 19.69 3.78 22.87
C ALA A 30 20.54 3.32 24.04
N LYS A 31 20.46 4.00 25.18
CA LYS A 31 21.19 3.54 26.36
C LYS A 31 20.75 2.14 26.84
N ASP A 32 19.54 1.69 26.46
CA ASP A 32 19.08 0.34 26.80
C ASP A 32 19.40 -0.73 25.77
N LEU A 33 20.14 -0.36 24.72
CA LEU A 33 20.51 -1.32 23.70
C LEU A 33 21.03 -2.63 24.27
N ILE A 34 20.47 -3.74 23.77
CA ILE A 34 21.00 -5.08 24.04
C ILE A 34 21.61 -5.69 22.77
N VAL A 35 22.90 -6.01 22.87
CA VAL A 35 23.67 -6.46 21.69
C VAL A 35 23.98 -7.94 21.82
N THR A 36 23.50 -8.72 20.86
CA THR A 36 23.74 -10.15 20.77
C THR A 36 24.59 -10.34 19.52
N PRO A 37 25.95 -10.36 19.68
CA PRO A 37 26.80 -10.48 18.49
C PRO A 37 26.78 -11.87 17.84
N ALA A 38 26.77 -11.92 16.51
CA ALA A 38 26.89 -13.14 15.75
C ALA A 38 28.21 -13.82 16.03
N THR A 39 28.22 -15.14 16.01
CA THR A 39 29.48 -15.87 16.30
C THR A 39 30.03 -16.56 15.06
N ILE A 40 29.22 -16.59 13.99
CA ILE A 40 29.67 -17.01 12.67
C ILE A 40 29.45 -15.82 11.74
N LEU A 41 30.52 -15.37 11.10
CA LEU A 41 30.53 -14.15 10.30
C LEU A 41 30.46 -14.53 8.80
N LYS A 42 29.63 -13.85 8.01
CA LYS A 42 29.59 -14.04 6.55
C LYS A 42 30.74 -13.32 5.83
N GLU A 43 31.15 -13.87 4.71
CA GLU A 43 32.17 -13.21 3.93
C GLU A 43 31.65 -12.00 3.19
N LYS A 44 32.47 -10.94 3.25
CA LYS A 44 32.20 -9.68 2.59
C LYS A 44 32.33 -9.90 1.10
N PRO A 45 31.45 -9.28 0.32
CA PRO A 45 31.57 -9.41 -1.12
C PRO A 45 32.61 -8.46 -1.71
N ASP A 46 32.94 -8.70 -2.98
CA ASP A 46 33.68 -7.76 -3.82
C ASP A 46 32.82 -6.50 -4.08
N PRO A 47 33.39 -5.31 -3.81
CA PRO A 47 32.66 -4.03 -3.96
C PRO A 47 32.34 -3.62 -5.40
N ASN A 48 32.98 -4.25 -6.37
CA ASN A 48 32.65 -3.98 -7.77
C ASN A 48 31.49 -4.81 -8.33
N ASN A 49 31.17 -5.93 -7.70
CA ASN A 49 30.15 -6.84 -8.23
C ASN A 49 28.78 -6.74 -7.55
N LEU A 50 28.61 -5.77 -6.65
CA LEU A 50 27.43 -5.70 -5.79
C LEU A 50 26.15 -5.39 -6.55
N VAL A 51 25.12 -6.19 -6.31
CA VAL A 51 23.79 -5.90 -6.84
C VAL A 51 22.99 -5.18 -5.74
N PHE A 52 22.11 -4.24 -6.10
CA PHE A 52 21.42 -3.37 -5.12
C PHE A 52 20.47 -4.24 -4.31
N GLY A 53 20.54 -4.07 -2.99
CA GLY A 53 19.59 -4.63 -2.06
C GLY A 53 19.56 -6.13 -1.90
N THR A 54 20.61 -6.83 -2.34
CA THR A 54 20.59 -8.27 -2.36
C THR A 54 21.50 -8.93 -1.32
N VAL A 55 22.65 -8.36 -1.04
CA VAL A 55 23.50 -8.87 0.02
C VAL A 55 23.17 -8.13 1.34
N PHE A 56 23.04 -8.85 2.45
CA PHE A 56 22.80 -8.20 3.74
C PHE A 56 23.97 -8.44 4.75
N THR A 57 24.10 -7.54 5.75
CA THR A 57 25.14 -7.69 6.81
C THR A 57 24.84 -8.76 7.89
N ASP A 58 25.73 -8.88 8.87
CA ASP A 58 25.63 -9.91 9.92
C ASP A 58 24.61 -9.58 10.96
N HIS A 59 24.37 -8.29 11.17
CA HIS A 59 23.42 -7.90 12.22
C HIS A 59 22.28 -7.01 11.73
N MET A 60 21.21 -6.98 12.54
CA MET A 60 20.05 -6.11 12.38
C MET A 60 19.66 -5.46 13.73
N LEU A 61 18.88 -4.39 13.65
CA LEU A 61 18.25 -3.79 14.82
C LEU A 61 16.79 -4.12 14.84
N THR A 62 16.27 -4.43 16.05
CA THR A 62 14.85 -4.67 16.27
C THR A 62 14.34 -4.06 17.56
N VAL A 63 13.13 -3.47 17.49
CA VAL A 63 12.44 -2.92 18.68
C VAL A 63 10.93 -3.20 18.58
N GLU A 64 10.37 -3.83 19.63
CA GLU A 64 8.94 -4.16 19.70
C GLU A 64 8.16 -3.01 20.37
N TRP A 65 6.91 -2.82 19.97
CA TRP A 65 6.00 -1.86 20.64
C TRP A 65 4.62 -2.51 20.77
N SER A 66 3.97 -2.26 21.91
CA SER A 66 2.56 -2.63 22.14
C SER A 66 1.89 -1.40 22.74
N SER A 67 0.58 -1.21 22.45
CA SER A 67 -0.19 -0.15 23.11
C SER A 67 -0.30 -0.41 24.61
N GLU A 68 -0.26 -1.66 25.05
CA GLU A 68 -0.45 -1.97 26.44
C GLU A 68 0.71 -1.47 27.27
N PHE A 69 1.93 -1.65 26.74
CA PHE A 69 3.16 -1.31 27.44
C PHE A 69 4.08 -0.33 26.74
N GLY A 70 3.82 0.05 25.51
CA GLY A 70 4.76 0.96 24.84
C GLY A 70 5.93 0.22 24.22
N TRP A 71 7.02 0.93 24.07
CA TRP A 71 8.21 0.43 23.40
C TRP A 71 9.03 -0.44 24.33
N GLU A 72 9.51 -1.56 23.81
CA GLU A 72 10.42 -2.41 24.55
CA GLU A 72 10.42 -2.41 24.55
C GLU A 72 11.86 -1.94 24.23
N LYS A 73 12.84 -2.47 24.95
CA LYS A 73 14.24 -2.13 24.67
C LYS A 73 14.66 -2.55 23.27
N PRO A 74 15.55 -1.78 22.65
CA PRO A 74 16.13 -2.12 21.32
C PRO A 74 17.17 -3.26 21.33
N HIS A 75 17.11 -4.12 20.32
CA HIS A 75 18.05 -5.22 20.17
C HIS A 75 18.85 -5.05 18.88
N ILE A 76 20.15 -5.25 19.02
CA ILE A 76 21.03 -5.53 17.89
C ILE A 76 21.43 -6.98 18.05
N LYS A 77 21.27 -7.73 16.96
CA LYS A 77 21.43 -9.15 16.99
C LYS A 77 21.63 -9.69 15.57
N PRO A 78 21.99 -10.97 15.42
CA PRO A 78 22.20 -11.54 14.10
C PRO A 78 21.00 -11.40 13.16
N LEU A 79 21.27 -11.12 11.90
CA LEU A 79 20.21 -11.10 10.92
C LEU A 79 19.43 -12.40 11.05
N GLN A 80 18.12 -12.30 11.00
CA GLN A 80 17.25 -13.46 11.11
C GLN A 80 15.93 -13.15 10.43
N ASN A 81 15.20 -14.20 10.07
CA ASN A 81 13.82 -14.04 9.63
C ASN A 81 12.92 -13.50 10.73
N LEU A 82 11.85 -12.84 10.31
CA LEU A 82 10.86 -12.31 11.24
C LEU A 82 9.76 -13.35 11.51
N SER A 83 9.35 -13.47 12.78
CA SER A 83 8.25 -14.39 13.10
C SER A 83 6.97 -13.61 13.26
N LEU A 84 6.06 -13.72 12.28
CA LEU A 84 4.88 -12.89 12.28
C LEU A 84 3.58 -13.67 12.18
N HIS A 85 2.62 -13.24 12.99
CA HIS A 85 1.29 -13.78 12.93
C HIS A 85 0.70 -13.50 11.53
N PRO A 86 0.08 -14.51 10.90
CA PRO A 86 -0.35 -14.30 9.50
C PRO A 86 -1.44 -13.26 9.33
N GLY A 87 -2.00 -12.82 10.43
CA GLY A 87 -3.05 -11.80 10.39
C GLY A 87 -2.46 -10.42 10.54
N SER A 88 -1.11 -10.35 10.65
CA SER A 88 -0.41 -9.08 10.84
C SER A 88 -0.83 -8.08 9.78
N SER A 89 -1.09 -6.85 10.23
CA SER A 89 -1.74 -5.86 9.36
C SER A 89 -0.78 -5.32 8.30
N ALA A 90 0.52 -5.52 8.50
CA ALA A 90 1.45 -5.11 7.45
C ALA A 90 1.20 -5.91 6.19
N LEU A 91 0.71 -7.13 6.37
CA LEU A 91 0.48 -8.07 5.28
C LEU A 91 -0.89 -7.96 4.57
N HIS A 92 -1.90 -7.41 5.22
CA HIS A 92 -3.25 -7.30 4.61
C HIS A 92 -3.57 -5.85 4.14
N TYR A 93 -3.19 -4.87 4.96
CA TYR A 93 -3.58 -3.47 4.79
C TYR A 93 -2.34 -2.54 4.65
N ALA A 94 -1.16 -3.10 4.42
CA ALA A 94 -0.02 -2.26 4.11
C ALA A 94 0.26 -1.27 5.24
N VAL A 95 0.11 -1.72 6.50
CA VAL A 95 0.43 -0.82 7.62
C VAL A 95 1.93 -0.92 7.80
N GLU A 96 2.60 -0.10 6.99
CA GLU A 96 4.03 -0.14 6.82
C GLU A 96 4.63 1.15 6.25
N LEU A 97 5.90 1.36 6.59
CA LEU A 97 6.70 2.45 6.00
C LEU A 97 8.22 2.12 6.12
N PHE A 98 9.03 2.84 5.33
CA PHE A 98 10.50 2.63 5.32
C PHE A 98 11.26 3.92 5.10
N GLU A 99 12.58 3.83 5.15
CA GLU A 99 13.49 4.90 4.82
C GLU A 99 14.69 4.33 4.13
N GLY A 100 15.44 5.21 3.47
CA GLY A 100 16.66 4.83 2.86
C GLY A 100 17.71 5.91 3.02
N LEU A 101 18.91 5.51 3.44
CA LEU A 101 20.01 6.42 3.56
C LEU A 101 21.30 5.59 3.54
N LYS A 102 22.45 6.25 3.62
CA LYS A 102 23.73 5.57 3.41
C LYS A 102 24.85 5.99 4.33
N ALA A 103 25.78 5.05 4.53
CA ALA A 103 27.08 5.31 5.15
C ALA A 103 28.20 5.09 4.14
N PHE A 104 29.15 6.02 4.18
CA PHE A 104 30.18 6.18 3.20
C PHE A 104 31.51 6.09 3.92
N ARG A 105 32.42 5.31 3.38
CA ARG A 105 33.76 5.21 3.93
C ARG A 105 34.60 6.29 3.22
N GLY A 106 35.08 7.25 4.01
CA GLY A 106 35.83 8.39 3.45
C GLY A 106 37.20 8.08 2.86
N VAL A 107 37.71 8.98 2.02
CA VAL A 107 39.08 8.91 1.50
C VAL A 107 40.08 8.94 2.66
N ASP A 108 39.68 9.52 3.78
CA ASP A 108 40.44 9.49 5.04
C ASP A 108 40.09 8.26 5.89
N ASN A 109 39.22 7.39 5.37
CA ASN A 109 38.85 6.16 6.04
C ASN A 109 37.95 6.35 7.26
N LYS A 110 37.30 7.51 7.36
CA LYS A 110 36.27 7.70 8.35
C LYS A 110 34.92 7.45 7.68
N ILE A 111 34.02 6.85 8.43
CA ILE A 111 32.69 6.48 7.95
C ILE A 111 31.73 7.61 8.27
N ARG A 112 30.99 8.05 7.28
CA ARG A 112 30.14 9.22 7.46
C ARG A 112 28.70 8.90 7.05
N LEU A 113 27.73 9.45 7.77
CA LEU A 113 26.31 9.54 7.35
C LEU A 113 26.07 10.93 6.76
N PHE A 114 25.09 11.05 5.87
CA PHE A 114 24.83 12.29 5.13
C PHE A 114 23.36 12.68 5.33
N GLN A 115 23.12 13.88 5.91
CA GLN A 115 21.78 14.43 6.18
C GLN A 115 20.82 13.46 6.91
N PRO A 116 21.35 12.68 7.89
CA PRO A 116 20.53 11.60 8.40
C PRO A 116 19.30 12.07 9.17
N ASN A 117 19.41 13.21 9.85
CA ASN A 117 18.29 13.83 10.54
C ASN A 117 17.09 14.13 9.65
N LEU A 118 17.31 14.42 8.37
CA LEU A 118 16.19 14.60 7.44
C LEU A 118 15.42 13.31 7.21
N ASN A 119 16.13 12.18 7.17
CA ASN A 119 15.45 10.89 7.06
C ASN A 119 14.63 10.59 8.33
N MET A 120 15.22 10.84 9.51
CA MET A 120 14.45 10.70 10.77
C MET A 120 13.19 11.60 10.78
N ASP A 121 13.33 12.86 10.32
CA ASP A 121 12.19 13.78 10.32
C ASP A 121 11.08 13.16 9.47
N ARG A 122 11.44 12.68 8.28
CA ARG A 122 10.51 12.07 7.34
C ARG A 122 9.87 10.83 7.90
N MET A 123 10.70 10.01 8.56
CA MET A 123 10.22 8.76 9.13
C MET A 123 9.14 9.00 10.16
N TYR A 124 9.43 9.94 11.07
CA TYR A 124 8.48 10.28 12.11
C TYR A 124 7.16 10.75 11.46
N ARG A 125 7.24 11.68 10.52
CA ARG A 125 6.03 12.20 9.86
C ARG A 125 5.24 11.05 9.18
N SER A 126 5.96 10.14 8.53
CA SER A 126 5.32 8.97 7.90
C SER A 126 4.62 8.10 8.94
N ALA A 127 5.27 7.90 10.09
CA ALA A 127 4.67 7.07 11.14
C ALA A 127 3.28 7.59 11.51
N VAL A 128 3.24 8.89 11.73
CA VAL A 128 2.02 9.58 12.11
C VAL A 128 0.94 9.44 11.01
N ARG A 129 1.31 9.65 9.75
CA ARG A 129 0.38 9.46 8.65
C ARG A 129 -0.20 8.04 8.59
N ALA A 130 0.59 7.06 9.00
CA ALA A 130 0.23 5.63 8.90
C ALA A 130 -0.47 5.10 10.16
N THR A 131 -0.49 5.92 11.19
CA THR A 131 -1.00 5.57 12.50
C THR A 131 -0.13 4.60 13.29
N LEU A 132 1.13 4.54 12.94
CA LEU A 132 2.12 3.84 13.77
C LEU A 132 2.61 4.80 14.86
N PRO A 133 3.12 4.24 15.96
CA PRO A 133 3.50 5.10 17.09
C PRO A 133 4.74 5.88 16.85
N VAL A 134 4.82 7.03 17.52
CA VAL A 134 5.92 7.91 17.40
C VAL A 134 7.05 7.47 18.35
N PHE A 135 8.24 7.96 18.05
CA PHE A 135 9.45 7.60 18.78
C PHE A 135 10.38 8.80 18.74
N ASP A 136 11.43 8.73 19.52
CA ASP A 136 12.36 9.83 19.60
C ASP A 136 13.40 9.67 18.50
N LYS A 137 13.38 10.59 17.53
CA LYS A 137 14.27 10.59 16.39
C LYS A 137 15.74 10.52 16.72
N GLU A 138 16.17 11.24 17.74
CA GLU A 138 17.60 11.23 18.10
C GLU A 138 17.96 9.85 18.60
N GLU A 139 17.04 9.23 19.34
CA GLU A 139 17.28 7.90 19.91
C GLU A 139 17.36 6.82 18.83
N LEU A 140 16.57 6.95 17.78
CA LEU A 140 16.65 6.01 16.64
C LEU A 140 17.98 6.16 15.89
N LEU A 141 18.37 7.41 15.67
CA LEU A 141 19.59 7.68 14.99
C LEU A 141 20.80 7.04 15.71
N GLU A 142 20.89 7.24 17.03
CA GLU A 142 21.98 6.66 17.83
C GLU A 142 21.99 5.12 17.72
N CYS A 143 20.81 4.51 17.77
CA CYS A 143 20.67 3.09 17.57
C CYS A 143 21.15 2.67 16.17
N ILE A 144 20.82 3.45 15.17
CA ILE A 144 21.38 3.21 13.86
C ILE A 144 22.91 3.29 13.87
N GLN A 145 23.47 4.33 14.48
CA GLN A 145 24.94 4.50 14.49
C GLN A 145 25.70 3.31 15.13
N GLN A 146 25.16 2.80 16.24
CA GLN A 146 25.72 1.64 16.92
C GLN A 146 25.55 0.38 16.09
N LEU A 147 24.46 0.29 15.34
CA LEU A 147 24.33 -0.84 14.39
C LEU A 147 25.43 -0.81 13.32
N VAL A 148 25.58 0.37 12.73
CA VAL A 148 26.51 0.52 11.62
C VAL A 148 27.92 0.32 12.15
N LYS A 149 28.12 0.75 13.38
CA LYS A 149 29.42 0.71 13.97
C LYS A 149 29.75 -0.76 14.23
N LEU A 150 28.80 -1.55 14.70
CA LEU A 150 29.08 -2.96 14.95
C LEU A 150 29.41 -3.68 13.64
N ASP A 151 28.63 -3.44 12.58
CA ASP A 151 28.91 -4.01 11.22
C ASP A 151 29.79 -3.13 10.32
N GLN A 152 30.61 -2.25 10.89
CA GLN A 152 31.32 -1.21 10.12
C GLN A 152 32.28 -1.68 9.03
N GLU A 153 32.82 -2.90 9.16
CA GLU A 153 33.66 -3.47 8.10
C GLU A 153 32.86 -3.80 6.84
N TRP A 154 31.54 -3.69 6.90
CA TRP A 154 30.66 -3.91 5.73
C TRP A 154 30.51 -2.63 4.87
N VAL A 155 30.88 -1.49 5.44
CA VAL A 155 30.92 -0.24 4.67
C VAL A 155 32.05 -0.38 3.66
N PRO A 156 31.73 -0.36 2.35
CA PRO A 156 32.73 -0.85 1.42
C PRO A 156 34.04 -0.11 1.40
N TYR A 157 35.13 -0.82 1.11
CA TYR A 157 36.43 -0.18 0.81
C TYR A 157 36.39 0.17 -0.65
N SER A 158 35.73 1.29 -0.97
CA SER A 158 35.64 1.79 -2.33
C SER A 158 34.92 3.12 -2.42
N THR A 159 35.46 3.97 -3.26
CA THR A 159 35.03 5.34 -3.42
C THR A 159 33.79 5.52 -4.28
N SER A 160 33.25 4.45 -4.85
CA SER A 160 31.94 4.58 -5.47
C SER A 160 31.00 3.45 -5.03
N ALA A 161 31.20 2.98 -3.80
CA ALA A 161 30.27 2.08 -3.16
C ALA A 161 29.99 2.57 -1.74
N SER A 162 28.96 2.00 -1.12
CA SER A 162 28.44 2.46 0.16
C SER A 162 27.58 1.39 0.88
N LEU A 163 27.22 1.69 2.13
CA LEU A 163 26.32 0.86 2.91
C LEU A 163 24.92 1.45 2.97
N TYR A 164 23.95 0.80 2.32
CA TYR A 164 22.57 1.33 2.34
C TYR A 164 21.90 0.98 3.65
N ILE A 165 21.20 1.92 4.24
CA ILE A 165 20.57 1.67 5.54
C ILE A 165 19.04 1.68 5.34
N ARG A 166 18.38 0.55 5.63
CA ARG A 166 16.92 0.41 5.48
C ARG A 166 16.18 0.34 6.84
N PRO A 167 15.85 1.49 7.43
CA PRO A 167 14.94 1.40 8.56
C PRO A 167 13.52 1.11 8.00
N THR A 168 12.80 0.23 8.68
CA THR A 168 11.49 -0.26 8.27
C THR A 168 10.60 -0.35 9.52
N PHE A 169 9.32 -0.12 9.33
CA PHE A 169 8.39 0.00 10.46
C PHE A 169 7.03 -0.53 10.01
N ILE A 170 6.61 -1.60 10.68
CA ILE A 170 5.43 -2.38 10.31
C ILE A 170 4.42 -2.65 11.45
N GLY A 171 3.16 -2.66 11.07
CA GLY A 171 2.09 -3.04 11.99
C GLY A 171 2.04 -4.55 12.05
N THR A 172 1.98 -5.07 13.28
CA THR A 172 1.90 -6.50 13.54
C THR A 172 0.67 -6.91 14.37
N GLU A 173 -0.37 -6.09 14.35
CA GLU A 173 -1.66 -6.43 14.93
C GLU A 173 -2.15 -7.79 14.43
N PRO A 174 -2.36 -8.78 15.31
CA PRO A 174 -2.93 -10.04 14.84
C PRO A 174 -4.43 -9.98 14.66
N SER A 175 -4.94 -9.23 13.70
CA SER A 175 -6.41 -9.12 13.57
C SER A 175 -6.83 -8.45 12.29
N LEU A 176 -7.94 -8.91 11.71
CA LEU A 176 -8.28 -8.49 10.35
C LEU A 176 -9.10 -7.22 10.30
N GLY A 177 -9.43 -6.67 11.45
CA GLY A 177 -10.08 -5.35 11.48
C GLY A 177 -9.18 -4.31 10.81
N VAL A 178 -9.76 -3.40 10.04
CA VAL A 178 -9.03 -2.27 9.54
C VAL A 178 -9.03 -1.18 10.62
N LYS A 179 -7.86 -1.00 11.24
CA LYS A 179 -7.71 -0.04 12.30
C LYS A 179 -6.27 0.16 12.72
N LYS A 180 -6.04 1.19 13.53
CA LYS A 180 -4.75 1.48 14.12
C LYS A 180 -4.18 0.24 14.79
N PRO A 181 -2.92 -0.08 14.54
CA PRO A 181 -2.43 -1.27 15.17
C PRO A 181 -2.06 -1.05 16.67
N THR A 182 -2.22 -2.09 17.48
CA THR A 182 -1.90 -2.07 18.90
C THR A 182 -0.62 -2.86 19.16
N LYS A 183 0.01 -3.27 18.06
CA LYS A 183 1.32 -3.93 18.10
C LYS A 183 2.08 -3.58 16.85
N ALA A 184 3.39 -3.37 16.99
CA ALA A 184 4.24 -3.03 15.84
C ALA A 184 5.72 -3.35 16.03
N LEU A 185 6.46 -3.37 14.91
CA LEU A 185 7.91 -3.67 14.92
C LEU A 185 8.62 -2.66 14.05
N LEU A 186 9.69 -2.11 14.61
CA LEU A 186 10.60 -1.25 13.94
C LEU A 186 11.90 -2.02 13.86
N PHE A 187 12.49 -2.07 12.66
CA PHE A 187 13.73 -2.78 12.44
C PHE A 187 14.58 -2.10 11.41
N VAL A 188 15.87 -2.45 11.41
CA VAL A 188 16.79 -1.82 10.47
C VAL A 188 17.67 -2.85 9.82
N LEU A 189 17.79 -2.80 8.50
CA LEU A 189 18.69 -3.70 7.73
C LEU A 189 19.85 -2.95 7.11
N LEU A 190 20.96 -3.65 6.88
CA LEU A 190 22.09 -3.06 6.22
C LEU A 190 22.48 -3.90 5.02
N SER A 191 22.88 -3.21 3.95
CA SER A 191 23.14 -3.83 2.65
C SER A 191 24.19 -3.06 1.85
N PRO A 192 25.37 -3.63 1.68
CA PRO A 192 26.33 -2.92 0.87
C PRO A 192 25.89 -2.90 -0.62
N VAL A 193 26.01 -1.71 -1.21
CA VAL A 193 25.68 -1.47 -2.61
C VAL A 193 26.78 -0.68 -3.31
N GLY A 194 26.77 -0.83 -4.63
CA GLY A 194 27.79 -0.31 -5.51
C GLY A 194 27.27 0.83 -6.34
N PRO A 195 28.13 1.32 -7.26
CA PRO A 195 27.78 2.43 -8.15
C PRO A 195 26.55 2.13 -9.00
N TYR A 196 25.70 3.13 -9.18
CA TYR A 196 24.66 3.08 -10.20
C TYR A 196 25.25 3.29 -11.62
N PHE A 197 26.54 3.66 -11.72
CA PHE A 197 27.18 3.99 -13.00
C PHE A 197 28.44 3.19 -13.41
N SER A 198 29.41 3.89 -14.01
CA SER A 198 30.44 3.30 -14.88
C SER A 198 29.80 2.52 -16.04
N PHE A 202 28.40 7.64 -16.56
CA PHE A 202 27.05 8.23 -16.55
C PHE A 202 26.12 7.53 -17.53
N ASN A 203 25.26 6.66 -17.02
CA ASN A 203 24.36 5.86 -17.83
CA ASN A 203 24.36 5.94 -17.89
C ASN A 203 22.98 6.57 -17.88
N PRO A 204 22.64 7.25 -19.01
CA PRO A 204 21.35 7.93 -19.11
C PRO A 204 20.17 7.01 -19.42
N VAL A 205 19.00 7.38 -18.92
CA VAL A 205 17.83 6.52 -18.98
C VAL A 205 16.79 6.99 -19.99
N SER A 206 16.11 6.02 -20.58
CA SER A 206 14.85 6.26 -21.28
C SER A 206 13.65 6.09 -20.37
N LEU A 207 12.62 6.93 -20.55
CA LEU A 207 11.43 6.95 -19.71
C LEU A 207 10.15 6.56 -20.47
N TRP A 208 9.29 5.79 -19.79
CA TRP A 208 7.97 5.40 -20.28
C TRP A 208 6.95 6.35 -19.65
N ALA A 209 6.39 7.24 -20.45
CA ALA A 209 5.39 8.14 -19.95
C ALA A 209 4.02 7.69 -20.41
N ASN A 210 3.27 7.02 -19.53
CA ASN A 210 1.88 6.59 -19.85
C ASN A 210 0.90 7.15 -18.86
N PRO A 211 0.01 8.07 -19.31
CA PRO A 211 -0.89 8.78 -18.41
C PRO A 211 -1.99 7.88 -17.80
N LYS A 212 -2.17 6.68 -18.32
CA LYS A 212 -3.11 5.74 -17.70
C LYS A 212 -2.74 5.39 -16.22
N TYR A 213 -1.49 5.58 -15.79
CA TYR A 213 -1.12 5.23 -14.42
C TYR A 213 -0.75 6.45 -13.64
N VAL A 214 -1.15 6.47 -12.36
CA VAL A 214 -0.98 7.58 -11.49
C VAL A 214 -0.43 7.09 -10.14
N ARG A 215 0.78 7.51 -9.84
CA ARG A 215 1.49 7.18 -8.64
C ARG A 215 0.83 7.74 -7.37
N ALA A 216 0.15 8.87 -7.43
CA ALA A 216 -0.18 9.65 -6.20
C ALA A 216 -1.18 10.75 -6.53
N TRP A 217 -2.07 11.03 -5.58
CA TRP A 217 -3.16 11.96 -5.79
C TRP A 217 -3.25 12.90 -4.60
N LYS A 218 -3.77 14.09 -4.86
CA LYS A 218 -4.03 15.09 -3.82
C LYS A 218 -4.93 14.49 -2.75
N GLY A 219 -4.47 14.52 -1.52
CA GLY A 219 -5.16 13.90 -0.39
C GLY A 219 -4.75 12.47 -0.13
N GLY A 220 -3.75 12.01 -0.89
CA GLY A 220 -3.22 10.65 -0.75
C GLY A 220 -1.94 10.76 0.06
N THR A 221 -1.00 9.82 -0.08
CA THR A 221 0.15 9.70 0.85
C THR A 221 1.49 9.74 0.16
N GLY A 222 1.51 10.40 -1.02
CA GLY A 222 2.64 10.42 -1.97
C GLY A 222 3.79 11.25 -1.47
N ASP A 223 3.49 12.11 -0.52
CA ASP A 223 4.50 12.89 0.11
C ASP A 223 5.09 12.19 1.34
N CYS A 224 4.81 10.90 1.56
CA CYS A 224 5.41 10.07 2.64
CA CYS A 224 5.64 10.20 2.51
C CYS A 224 5.96 8.81 2.02
N LYS A 225 6.88 8.16 2.76
CA LYS A 225 7.54 6.92 2.35
C LYS A 225 6.78 5.69 2.92
N MET A 226 5.54 5.57 2.50
CA MET A 226 4.66 4.55 2.98
C MET A 226 4.62 3.46 1.94
N GLY A 227 4.69 2.22 2.38
CA GLY A 227 4.75 1.08 1.45
C GLY A 227 3.72 1.07 0.36
N GLY A 228 2.51 1.50 0.68
CA GLY A 228 1.37 1.37 -0.24
C GLY A 228 1.48 2.28 -1.46
N ASN A 229 2.39 3.24 -1.44
CA ASN A 229 2.63 4.03 -2.63
C ASN A 229 3.38 3.26 -3.74
N TYR A 230 3.99 2.12 -3.43
CA TYR A 230 4.98 1.48 -4.31
C TYR A 230 4.48 0.20 -4.91
N GLY A 231 3.62 -0.49 -4.20
CA GLY A 231 3.02 -1.70 -4.71
C GLY A 231 2.53 -1.46 -6.11
N SER A 232 1.83 -0.35 -6.23
CA SER A 232 0.94 -0.08 -7.33
C SER A 232 1.68 0.25 -8.61
N SER A 233 3.02 0.19 -8.57
CA SER A 233 3.88 0.66 -9.62
C SER A 233 4.77 -0.44 -10.25
N LEU A 234 4.76 -1.64 -9.71
CA LEU A 234 5.59 -2.71 -10.25
C LEU A 234 5.10 -3.06 -11.64
N PHE A 235 3.80 -2.89 -11.88
CA PHE A 235 3.23 -3.24 -13.15
C PHE A 235 3.66 -2.26 -14.23
N ALA A 236 3.70 -0.97 -13.88
CA ALA A 236 4.16 0.09 -14.77
C ALA A 236 5.67 -0.01 -15.09
N GLN A 237 6.48 -0.35 -14.10
CA GLN A 237 7.91 -0.64 -14.34
C GLN A 237 8.09 -1.81 -15.33
N CYS A 238 7.29 -2.87 -15.18
CA CYS A 238 7.33 -3.97 -16.12
C CYS A 238 6.94 -3.55 -17.54
N GLU A 239 5.87 -2.76 -17.67
CA GLU A 239 5.45 -2.26 -19.00
C GLU A 239 6.58 -1.44 -19.60
N ALA A 240 7.20 -0.63 -18.77
CA ALA A 240 8.33 0.18 -19.19
C ALA A 240 9.49 -0.66 -19.75
N VAL A 241 9.92 -1.72 -19.08
CA VAL A 241 11.05 -2.49 -19.63
C VAL A 241 10.63 -3.18 -20.93
N ASP A 242 9.40 -3.65 -21.02
CA ASP A 242 8.90 -4.30 -22.26
C ASP A 242 8.87 -3.34 -23.44
N ASN A 243 9.18 -2.08 -23.21
CA ASN A 243 9.22 -1.13 -24.32
C ASN A 243 10.56 -0.43 -24.33
N GLY A 244 11.58 -1.07 -23.78
CA GLY A 244 12.94 -0.59 -23.89
C GLY A 244 13.30 0.56 -22.99
N CYS A 245 12.54 0.77 -21.90
CA CYS A 245 12.74 1.93 -21.07
C CYS A 245 13.23 1.42 -19.77
N GLN A 246 13.94 2.27 -19.05
CA GLN A 246 14.51 1.85 -17.77
C GLN A 246 13.70 2.29 -16.56
N GLN A 247 12.95 3.37 -16.71
CA GLN A 247 12.19 3.91 -15.63
C GLN A 247 10.86 4.48 -16.15
N VAL A 248 9.94 4.71 -15.22
CA VAL A 248 8.63 5.29 -15.51
C VAL A 248 8.67 6.78 -15.22
N LEU A 249 8.16 7.58 -16.17
CA LEU A 249 7.87 8.95 -15.91
C LEU A 249 6.42 9.08 -15.47
N TRP A 250 6.23 9.46 -14.21
CA TRP A 250 4.90 9.63 -13.61
C TRP A 250 4.21 10.96 -13.96
N LEU A 251 3.09 10.85 -14.66
CA LEU A 251 2.33 12.01 -15.09
C LEU A 251 1.11 12.18 -14.20
N TYR A 252 0.68 13.44 -14.06
CA TYR A 252 -0.48 13.77 -13.27
C TYR A 252 -1.40 14.80 -13.91
N GLY A 253 -2.70 14.53 -13.81
CA GLY A 253 -3.72 15.48 -14.11
C GLY A 253 -3.95 15.60 -15.58
N GLU A 254 -4.82 16.54 -15.95
CA GLU A 254 -5.32 16.65 -17.33
C GLU A 254 -4.28 17.27 -18.24
N ASP A 255 -3.41 18.09 -17.67
CA ASP A 255 -2.39 18.75 -18.46
CA ASP A 255 -2.36 18.77 -18.42
C ASP A 255 -1.08 17.94 -18.47
N HIS A 256 -1.12 16.75 -17.89
CA HIS A 256 0.00 15.83 -17.96
C HIS A 256 1.23 16.46 -17.36
N GLN A 257 1.12 16.85 -16.11
CA GLN A 257 2.28 17.31 -15.42
C GLN A 257 3.29 16.19 -15.26
N ILE A 258 4.56 16.50 -15.39
CA ILE A 258 5.61 15.57 -15.12
C ILE A 258 5.98 15.73 -13.62
N THR A 259 5.87 14.65 -12.86
CA THR A 259 6.04 14.71 -11.40
C THR A 259 7.35 14.11 -10.88
N GLU A 260 7.55 12.84 -11.16
CA GLU A 260 8.71 12.07 -10.69
C GLU A 260 9.10 11.04 -11.72
N VAL A 261 10.35 10.59 -11.55
CA VAL A 261 11.03 9.58 -12.36
C VAL A 261 11.32 8.31 -11.54
N GLY A 262 10.58 7.25 -11.84
CA GLY A 262 10.67 6.06 -11.00
C GLY A 262 10.36 6.49 -9.60
N THR A 263 11.29 6.20 -8.70
CA THR A 263 11.23 6.68 -7.34
C THR A 263 12.21 7.85 -7.09
N MET A 264 12.48 8.68 -8.11
CA MET A 264 13.39 9.85 -7.95
C MET A 264 12.67 11.14 -8.19
N ASN A 265 13.16 12.23 -7.60
CA ASN A 265 12.61 13.51 -7.94
C ASN A 265 13.13 13.91 -9.32
N LEU A 266 12.46 14.87 -9.95
CA LEU A 266 12.70 15.29 -11.33
C LEU A 266 13.15 16.76 -11.41
N PHE A 267 14.29 17.00 -12.05
CA PHE A 267 14.76 18.37 -12.34
C PHE A 267 14.86 18.65 -13.86
N LEU A 268 14.60 19.88 -14.23
CA LEU A 268 14.65 20.33 -15.59
C LEU A 268 15.49 21.61 -15.64
N TYR A 269 16.56 21.58 -16.45
CA TYR A 269 17.49 22.72 -16.58
C TYR A 269 17.26 23.24 -17.98
N TRP A 270 16.78 24.48 -18.08
CA TRP A 270 16.31 25.05 -19.34
C TRP A 270 16.25 26.58 -19.29
N ILE A 271 16.09 27.18 -20.47
CA ILE A 271 15.68 28.55 -20.65
C ILE A 271 14.14 28.52 -20.58
N ASN A 272 13.58 29.27 -19.62
CA ASN A 272 12.13 29.27 -19.37
C ASN A 272 11.35 30.13 -20.37
N GLU A 273 10.05 30.32 -20.16
CA GLU A 273 9.16 30.95 -21.15
C GLU A 273 9.44 32.43 -21.33
N ASP A 274 10.04 33.06 -20.31
CA ASP A 274 10.49 34.45 -20.39
C ASP A 274 11.96 34.57 -20.73
N GLY A 275 12.53 33.54 -21.36
CA GLY A 275 13.93 33.59 -21.78
C GLY A 275 15.01 33.67 -20.70
N GLU A 276 14.78 33.08 -19.53
CA GLU A 276 15.78 33.09 -18.46
C GLU A 276 16.24 31.67 -18.14
N GLU A 277 17.52 31.58 -17.83
CA GLU A 277 18.15 30.35 -17.44
C GLU A 277 17.57 29.88 -16.07
N GLU A 278 17.09 28.64 -15.98
CA GLU A 278 16.33 28.22 -14.81
C GLU A 278 16.49 26.76 -14.49
N LEU A 279 16.53 26.45 -13.21
CA LEU A 279 16.42 25.08 -12.68
C LEU A 279 15.03 24.96 -12.12
N ALA A 280 14.26 24.03 -12.64
CA ALA A 280 12.85 23.90 -12.25
C ALA A 280 12.58 22.48 -11.75
N THR A 281 11.74 22.37 -10.71
CA THR A 281 11.33 21.08 -10.20
C THR A 281 9.91 21.18 -9.63
N PRO A 282 9.11 20.09 -9.72
CA PRO A 282 7.75 20.26 -9.21
C PRO A 282 7.65 20.60 -7.74
N PRO A 283 6.66 21.41 -7.34
CA PRO A 283 6.50 21.88 -5.95
C PRO A 283 5.92 20.82 -5.01
N LEU A 284 6.07 21.05 -3.71
CA LEU A 284 5.56 20.13 -2.74
C LEU A 284 4.09 20.33 -2.48
N ASP A 285 3.23 19.86 -3.38
CA ASP A 285 1.81 20.15 -3.24
C ASP A 285 1.04 18.89 -2.84
N GLY A 286 1.74 17.89 -2.27
CA GLY A 286 1.14 16.62 -1.77
C GLY A 286 1.32 15.36 -2.66
N ILE A 287 1.63 15.52 -3.94
CA ILE A 287 1.92 14.36 -4.80
C ILE A 287 3.39 14.06 -5.07
N ILE A 288 4.28 14.82 -4.43
CA ILE A 288 5.71 14.71 -4.64
C ILE A 288 6.36 14.31 -3.33
N LEU A 289 7.25 13.31 -3.39
CA LEU A 289 8.02 12.94 -2.22
C LEU A 289 9.15 13.97 -1.99
N PRO A 290 9.27 14.54 -0.78
CA PRO A 290 10.34 15.50 -0.51
C PRO A 290 11.69 14.81 -0.21
N GLY A 291 12.38 14.49 -1.29
CA GLY A 291 13.66 13.84 -1.22
C GLY A 291 14.70 14.67 -0.49
N VAL A 292 15.58 13.98 0.22
CA VAL A 292 16.80 14.60 0.79
C VAL A 292 17.70 15.13 -0.33
N THR A 293 17.77 14.37 -1.42
CA THR A 293 18.66 14.75 -2.54
C THR A 293 18.09 15.99 -3.18
N ARG A 294 16.79 15.94 -3.43
CA ARG A 294 16.07 17.09 -3.95
C ARG A 294 16.38 18.33 -3.16
N ARG A 295 16.20 18.24 -1.84
CA ARG A 295 16.49 19.35 -0.91
C ARG A 295 17.92 19.83 -1.06
N CYS A 296 18.87 18.89 -1.14
CA CYS A 296 20.28 19.30 -1.13
C CYS A 296 20.53 20.12 -2.37
N ILE A 297 20.03 19.61 -3.50
CA ILE A 297 20.23 20.24 -4.80
C ILE A 297 19.67 21.66 -4.82
N LEU A 298 18.46 21.80 -4.34
CA LEU A 298 17.83 23.12 -4.27
C LEU A 298 18.64 24.08 -3.42
N ASP A 299 19.15 23.61 -2.29
CA ASP A 299 20.01 24.44 -1.42
C ASP A 299 21.32 24.84 -2.13
N LEU A 300 21.93 23.89 -2.81
CA LEU A 300 23.10 24.19 -3.62
C LEU A 300 22.79 25.27 -4.66
N ALA A 301 21.69 25.08 -5.38
CA ALA A 301 21.34 26.02 -6.48
C ALA A 301 21.05 27.42 -5.94
N HIS A 302 20.33 27.48 -4.83
CA HIS A 302 20.03 28.74 -4.21
C HIS A 302 21.32 29.39 -3.79
N GLN A 303 22.21 28.63 -3.18
CA GLN A 303 23.37 29.28 -2.64
C GLN A 303 24.37 29.73 -3.71
N TRP A 304 24.41 29.06 -4.84
CA TRP A 304 25.29 29.47 -5.94
C TRP A 304 24.82 30.76 -6.54
N GLY A 305 23.51 30.98 -6.51
CA GLY A 305 22.95 32.22 -7.03
C GLY A 305 23.31 32.53 -8.47
N GLU A 306 23.46 31.53 -9.35
CA GLU A 306 23.82 31.80 -10.75
C GLU A 306 22.65 31.70 -11.75
N PHE A 307 21.52 31.12 -11.34
CA PHE A 307 20.32 31.05 -12.22
C PHE A 307 19.05 31.00 -11.41
N LYS A 308 17.93 31.28 -12.05
CA LYS A 308 16.67 31.22 -11.37
C LYS A 308 16.42 29.77 -10.92
N VAL A 309 15.91 29.62 -9.69
CA VAL A 309 15.46 28.35 -9.16
C VAL A 309 13.96 28.41 -8.89
N SER A 310 13.21 27.44 -9.41
CA SER A 310 11.75 27.52 -9.30
C SER A 310 11.14 26.18 -8.96
N GLU A 311 10.41 26.13 -7.87
CA GLU A 311 9.56 25.00 -7.64
C GLU A 311 8.26 25.33 -8.32
N ARG A 312 8.00 24.67 -9.44
CA ARG A 312 6.81 24.99 -10.24
C ARG A 312 6.34 23.83 -11.10
N TYR A 313 5.09 23.90 -11.56
CA TYR A 313 4.53 22.91 -12.43
C TYR A 313 5.17 22.88 -13.83
N LEU A 314 5.41 21.66 -14.31
CA LEU A 314 5.98 21.38 -15.62
C LEU A 314 5.12 20.34 -16.31
N THR A 315 4.66 20.64 -17.51
CA THR A 315 3.87 19.72 -18.28
C THR A 315 4.59 19.23 -19.51
N MET A 316 4.05 18.15 -20.09
CA MET A 316 4.63 17.57 -21.27
C MET A 316 4.68 18.59 -22.36
N ASP A 317 3.60 19.37 -22.52
CA ASP A 317 3.58 20.44 -23.56
C ASP A 317 4.58 21.56 -23.31
N ASP A 318 4.68 22.03 -22.06
CA ASP A 318 5.75 23.00 -21.71
C ASP A 318 7.08 22.47 -22.27
N LEU A 319 7.25 21.16 -22.06
CA LEU A 319 8.49 20.47 -22.39
C LEU A 319 8.69 20.29 -23.88
N THR A 320 7.66 19.80 -24.59
CA THR A 320 7.78 19.65 -26.04
C THR A 320 7.92 21.01 -26.72
N THR A 321 7.20 22.00 -26.22
CA THR A 321 7.36 23.36 -26.73
C THR A 321 8.83 23.86 -26.55
N ALA A 322 9.45 23.53 -25.40
CA ALA A 322 10.84 23.97 -25.11
C ALA A 322 11.79 23.29 -26.08
N LEU A 323 11.58 21.99 -26.28
CA LEU A 323 12.43 21.26 -27.21
C LEU A 323 12.34 21.85 -28.61
N GLU A 324 11.16 22.30 -29.06
CA GLU A 324 11.03 22.78 -30.45
C GLU A 324 11.84 24.03 -30.61
N GLY A 325 12.01 24.78 -29.52
CA GLY A 325 12.76 26.02 -29.56
C GLY A 325 14.16 25.96 -28.95
N ASN A 326 14.70 24.74 -28.85
CA ASN A 326 16.06 24.56 -28.38
C ASN A 326 16.33 25.16 -27.00
N ARG A 327 15.31 25.23 -26.16
CA ARG A 327 15.45 25.82 -24.85
C ARG A 327 15.88 24.81 -23.75
N VAL A 328 15.79 23.50 -24.00
CA VAL A 328 16.14 22.49 -22.97
C VAL A 328 17.68 22.20 -22.89
N ARG A 329 18.30 22.45 -21.75
CA ARG A 329 19.68 22.06 -21.51
C ARG A 329 19.77 20.64 -20.97
N GLU A 330 19.10 20.35 -19.86
CA GLU A 330 19.29 19.04 -19.18
C GLU A 330 18.08 18.61 -18.34
N MET A 331 17.80 17.30 -18.28
CA MET A 331 16.78 16.75 -17.38
C MET A 331 17.43 15.62 -16.63
N PHE A 332 17.15 15.49 -15.33
CA PHE A 332 17.74 14.44 -14.48
C PHE A 332 16.88 14.10 -13.24
N GLY A 333 16.91 12.82 -12.86
CA GLY A 333 16.39 12.35 -11.59
C GLY A 333 17.38 12.56 -10.46
N SER A 334 16.85 12.61 -9.25
CA SER A 334 17.68 12.64 -8.07
C SER A 334 17.08 11.76 -6.99
N GLY A 335 17.94 11.04 -6.28
CA GLY A 335 17.54 10.27 -5.13
C GLY A 335 18.72 9.53 -4.53
N THR A 336 18.48 8.80 -3.44
CA THR A 336 19.62 8.32 -2.65
C THR A 336 20.38 7.25 -3.39
N ALA A 337 19.68 6.41 -4.16
CA ALA A 337 20.36 5.32 -4.86
C ALA A 337 21.27 5.80 -5.97
N CYS A 338 20.82 6.79 -6.75
CA CYS A 338 21.48 7.37 -8.00
CA CYS A 338 21.68 7.11 -7.81
C CYS A 338 22.32 8.57 -7.75
N VAL A 339 21.91 9.36 -6.74
CA VAL A 339 22.32 10.77 -6.60
C VAL A 339 21.73 11.62 -7.75
N VAL A 340 22.28 11.46 -8.95
CA VAL A 340 21.86 12.20 -10.16
C VAL A 340 21.73 11.16 -11.28
N CYS A 341 20.65 11.19 -12.07
CA CYS A 341 20.42 10.24 -13.14
C CYS A 341 19.92 10.94 -14.42
N PRO A 342 20.84 11.20 -15.36
CA PRO A 342 20.50 11.91 -16.60
C PRO A 342 19.46 11.18 -17.43
N VAL A 343 18.58 11.97 -18.03
CA VAL A 343 17.51 11.48 -18.90
C VAL A 343 17.85 11.82 -20.35
N SER A 344 17.80 10.82 -21.25
CA SER A 344 18.05 11.02 -22.68
C SER A 344 16.83 10.99 -23.57
N ASP A 345 15.75 10.35 -23.12
CA ASP A 345 14.57 10.05 -23.97
C ASP A 345 13.35 9.77 -23.12
N ILE A 346 12.17 10.14 -23.67
CA ILE A 346 10.87 9.94 -23.08
C ILE A 346 9.96 9.37 -24.18
N LEU A 347 9.37 8.20 -23.95
CA LEU A 347 8.37 7.62 -24.86
C LEU A 347 6.93 7.97 -24.45
N TYR A 348 6.18 8.54 -25.39
CA TYR A 348 4.93 9.25 -25.11
C TYR A 348 4.09 9.38 -26.36
N LYS A 349 2.80 9.08 -26.23
CA LYS A 349 1.85 9.08 -27.35
C LYS A 349 2.44 8.47 -28.63
N GLY A 350 3.10 7.34 -28.46
CA GLY A 350 3.60 6.55 -29.56
C GLY A 350 4.83 7.13 -30.23
N GLU A 351 5.56 7.98 -29.51
CA GLU A 351 6.77 8.51 -30.09
C GLU A 351 7.89 8.65 -29.08
N THR A 352 9.11 8.71 -29.61
CA THR A 352 10.32 8.91 -28.85
C THR A 352 10.75 10.36 -28.94
N ILE A 353 10.84 11.00 -27.80
CA ILE A 353 11.17 12.40 -27.75
C ILE A 353 12.55 12.43 -27.18
N HIS A 354 13.49 13.02 -27.90
CA HIS A 354 14.85 13.08 -27.39
C HIS A 354 15.05 14.25 -26.44
N ILE A 355 15.73 13.95 -25.33
CA ILE A 355 16.17 14.99 -24.41
C ILE A 355 17.69 15.19 -24.57
N PRO A 356 18.13 16.45 -24.78
CA PRO A 356 19.50 16.70 -25.15
C PRO A 356 20.47 16.79 -23.99
N THR A 357 20.15 16.13 -22.88
CA THR A 357 20.99 16.17 -21.71
C THR A 357 22.51 15.84 -21.95
N MET A 358 22.79 14.74 -22.62
CA MET A 358 24.19 14.28 -22.78
C MET A 358 24.98 15.11 -23.78
N GLU A 359 24.28 15.84 -24.64
CA GLU A 359 24.88 16.77 -25.57
C GLU A 359 25.20 18.09 -24.90
N ASN A 360 24.70 18.32 -23.70
CA ASN A 360 24.97 19.60 -23.00
C ASN A 360 25.87 19.39 -21.77
N GLY A 361 26.74 18.37 -21.86
CA GLY A 361 27.76 18.09 -20.85
C GLY A 361 27.57 16.66 -20.39
N PRO A 362 26.66 16.41 -19.41
CA PRO A 362 25.73 17.35 -18.80
C PRO A 362 26.39 18.19 -17.69
N LYS A 363 26.66 19.45 -17.98
CA LYS A 363 27.46 20.30 -17.10
C LYS A 363 26.89 20.36 -15.66
N LEU A 364 25.61 20.67 -15.52
CA LEU A 364 25.02 20.93 -14.22
C LEU A 364 24.94 19.64 -13.42
N ALA A 365 24.48 18.58 -14.10
CA ALA A 365 24.29 17.29 -13.50
C ALA A 365 25.62 16.79 -12.95
N SER A 366 26.69 16.93 -13.74
CA SER A 366 28.02 16.52 -13.33
C SER A 366 28.56 17.38 -12.21
N ARG A 367 28.26 18.67 -12.23
CA ARG A 367 28.60 19.53 -11.10
C ARG A 367 27.91 19.09 -9.79
N ILE A 368 26.65 18.75 -9.88
CA ILE A 368 25.92 18.42 -8.66
C ILE A 368 26.43 17.11 -8.11
N LEU A 369 26.64 16.14 -9.02
CA LEU A 369 27.21 14.85 -8.71
C LEU A 369 28.59 14.99 -8.03
N SER A 370 29.51 15.71 -8.65
CA SER A 370 30.84 15.77 -8.05
C SER A 370 30.78 16.53 -6.70
N LYS A 371 29.91 17.51 -6.57
CA LYS A 371 29.76 18.26 -5.29
C LYS A 371 29.24 17.39 -4.13
N LEU A 372 28.21 16.59 -4.40
CA LEU A 372 27.62 15.75 -3.38
C LEU A 372 28.50 14.57 -2.98
N THR A 373 29.14 13.96 -3.98
CA THR A 373 30.02 12.83 -3.74
C THR A 373 31.30 13.31 -3.05
N ASP A 374 31.76 14.51 -3.37
CA ASP A 374 32.91 15.06 -2.66
C ASP A 374 32.57 15.16 -1.16
N ILE A 375 31.34 15.61 -0.86
CA ILE A 375 30.89 15.75 0.52
C ILE A 375 30.70 14.40 1.21
N GLN A 376 30.00 13.46 0.53
CA GLN A 376 29.74 12.12 1.11
C GLN A 376 31.02 11.34 1.50
N TYR A 377 32.06 11.44 0.68
CA TYR A 377 33.28 10.74 0.92
C TYR A 377 34.38 11.56 1.65
N GLY A 378 34.00 12.66 2.29
CA GLY A 378 34.95 13.43 3.10
C GLY A 378 36.05 14.09 2.29
N ARG A 379 35.83 14.30 1.00
CA ARG A 379 36.80 15.00 0.16
C ARG A 379 36.68 16.49 0.42
N GLU A 380 35.59 16.93 1.04
CA GLU A 380 35.51 18.31 1.47
C GLU A 380 34.64 18.37 2.72
N GLU A 381 34.91 19.35 3.59
CA GLU A 381 34.15 19.58 4.81
C GLU A 381 32.74 20.08 4.51
N ARG A 382 31.81 19.80 5.42
CA ARG A 382 30.41 20.16 5.29
C ARG A 382 29.62 19.90 6.55
N ASP A 383 28.61 20.73 6.84
CA ASP A 383 27.70 20.44 7.97
C ASP A 383 26.71 19.32 7.62
N TRP A 384 26.63 18.89 6.36
CA TRP A 384 25.73 17.79 5.99
C TRP A 384 26.19 16.39 6.36
N THR A 385 27.38 16.21 6.88
CA THR A 385 27.87 14.87 7.21
C THR A 385 28.11 14.74 8.70
N ILE A 386 27.90 13.54 9.23
CA ILE A 386 28.28 13.19 10.59
C ILE A 386 29.21 11.99 10.54
N VAL A 387 30.32 12.09 11.26
CA VAL A 387 31.26 11.00 11.40
C VAL A 387 30.79 10.06 12.48
N LEU A 388 30.92 8.79 12.25
CA LEU A 388 30.39 7.80 13.13
C LEU A 388 30.75 7.84 14.60
N SER A 389 29.73 7.54 15.39
CA SER A 389 29.64 7.77 16.80
C SER A 389 30.66 7.01 17.62
N VAL B 25 6.82 -25.21 -12.46
CA VAL B 25 5.42 -25.71 -12.19
C VAL B 25 4.44 -24.53 -12.04
N GLY B 26 3.62 -24.38 -13.08
CA GLY B 26 2.92 -23.15 -13.33
C GLY B 26 1.73 -22.94 -12.42
N THR B 27 1.26 -24.04 -11.85
CA THR B 27 0.24 -24.00 -10.85
C THR B 27 0.25 -25.20 -9.90
N PHE B 28 -0.06 -24.96 -8.64
CA PHE B 28 -0.27 -26.00 -7.67
C PHE B 28 -1.60 -26.71 -7.89
N LYS B 29 -1.69 -27.94 -7.40
CA LYS B 29 -2.96 -28.65 -7.49
C LYS B 29 -3.45 -29.15 -6.16
N ALA B 30 -4.76 -29.13 -6.00
CA ALA B 30 -5.43 -29.61 -4.79
C ALA B 30 -5.11 -31.08 -4.55
N LYS B 31 -4.91 -31.85 -5.61
CA LYS B 31 -4.65 -33.26 -5.42
C LYS B 31 -3.27 -33.50 -4.79
N ASP B 32 -2.37 -32.52 -4.86
CA ASP B 32 -1.09 -32.64 -4.16
C ASP B 32 -1.15 -32.14 -2.72
N LEU B 33 -2.33 -31.91 -2.17
CA LEU B 33 -2.40 -31.30 -0.83
C LEU B 33 -1.74 -32.20 0.21
N ILE B 34 -1.01 -31.58 1.12
CA ILE B 34 -0.41 -32.25 2.22
C ILE B 34 -1.04 -31.76 3.50
N VAL B 35 -1.71 -32.67 4.22
CA VAL B 35 -2.49 -32.33 5.39
C VAL B 35 -1.77 -32.72 6.70
N THR B 36 -1.43 -31.73 7.52
CA THR B 36 -0.82 -31.94 8.80
C THR B 36 -1.74 -31.47 9.93
N PRO B 37 -2.58 -32.36 10.45
CA PRO B 37 -3.58 -31.90 11.41
C PRO B 37 -2.93 -31.55 12.74
N ALA B 38 -3.55 -30.62 13.44
CA ALA B 38 -3.11 -30.13 14.72
C ALA B 38 -3.35 -31.14 15.83
N THR B 39 -2.48 -31.11 16.82
CA THR B 39 -2.51 -32.13 17.89
C THR B 39 -3.66 -31.88 18.85
N ILE B 40 -3.80 -30.60 19.18
CA ILE B 40 -4.76 -30.12 20.19
C ILE B 40 -5.68 -29.05 19.58
N LEU B 41 -6.96 -29.33 19.61
CA LEU B 41 -7.91 -28.45 19.00
C LEU B 41 -8.34 -27.39 20.00
N LYS B 42 -8.47 -26.15 19.55
CA LYS B 42 -8.89 -25.06 20.43
C LYS B 42 -10.43 -25.13 20.64
N GLU B 43 -10.89 -24.60 21.75
CA GLU B 43 -12.31 -24.42 21.99
C GLU B 43 -12.89 -23.28 21.15
N LYS B 44 -14.05 -23.54 20.59
CA LYS B 44 -14.82 -22.61 19.77
C LYS B 44 -15.33 -21.46 20.65
N PRO B 45 -15.46 -20.27 20.07
CA PRO B 45 -16.02 -19.14 20.80
C PRO B 45 -17.54 -19.13 20.79
N ASP B 46 -18.12 -18.28 21.64
CA ASP B 46 -19.55 -17.96 21.62
C ASP B 46 -19.99 -17.18 20.35
N PRO B 47 -21.00 -17.68 19.60
CA PRO B 47 -21.31 -16.95 18.35
C PRO B 47 -21.83 -15.50 18.52
N ASN B 48 -22.24 -15.12 19.73
CA ASN B 48 -22.72 -13.75 19.98
C ASN B 48 -21.72 -12.85 20.73
N ASN B 49 -20.48 -13.31 20.90
CA ASN B 49 -19.39 -12.50 21.48
C ASN B 49 -18.26 -12.17 20.46
N LEU B 50 -18.45 -12.52 19.20
CA LEU B 50 -17.37 -12.45 18.21
C LEU B 50 -17.03 -11.04 17.79
N VAL B 51 -15.78 -10.64 18.04
CA VAL B 51 -15.20 -9.41 17.53
C VAL B 51 -14.67 -9.72 16.12
N PHE B 52 -15.08 -9.00 15.07
CA PHE B 52 -14.64 -9.36 13.72
C PHE B 52 -13.10 -9.53 13.64
N GLY B 53 -12.67 -10.65 13.09
CA GLY B 53 -11.28 -10.78 12.69
C GLY B 53 -10.28 -11.12 13.79
N THR B 54 -10.73 -11.52 14.97
CA THR B 54 -9.85 -11.64 16.13
C THR B 54 -9.58 -13.08 16.54
N VAL B 55 -10.54 -13.96 16.26
CA VAL B 55 -10.43 -15.38 16.54
C VAL B 55 -10.17 -16.12 15.22
N PHE B 56 -9.15 -16.99 15.23
CA PHE B 56 -8.80 -17.85 14.08
C PHE B 56 -9.01 -19.32 14.44
N THR B 57 -9.32 -20.12 13.40
CA THR B 57 -9.56 -21.58 13.54
C THR B 57 -8.29 -22.45 13.75
N ASP B 58 -8.40 -23.78 13.71
CA ASP B 58 -7.20 -24.63 14.00
C ASP B 58 -6.16 -24.67 12.91
N HIS B 59 -6.58 -24.53 11.64
CA HIS B 59 -5.69 -24.79 10.47
C HIS B 59 -5.66 -23.65 9.50
N MET B 60 -4.55 -23.56 8.77
CA MET B 60 -4.36 -22.62 7.64
C MET B 60 -3.89 -23.39 6.39
N LEU B 61 -4.10 -22.79 5.22
CA LEU B 61 -3.51 -23.21 3.93
C LEU B 61 -2.30 -22.36 3.54
N THR B 62 -1.21 -22.96 3.08
CA THR B 62 -0.01 -22.22 2.64
C THR B 62 0.53 -22.83 1.38
N VAL B 63 0.89 -22.00 0.39
CA VAL B 63 1.54 -22.48 -0.84
C VAL B 63 2.68 -21.55 -1.22
N GLU B 64 3.91 -22.07 -1.18
CA GLU B 64 5.13 -21.36 -1.57
C GLU B 64 5.32 -21.32 -3.10
N TRP B 65 5.81 -20.19 -3.59
CA TRP B 65 6.16 -20.01 -5.02
C TRP B 65 7.56 -19.43 -5.11
N SER B 66 8.32 -19.88 -6.11
CA SER B 66 9.53 -19.22 -6.50
C SER B 66 9.63 -19.24 -8.02
N SER B 67 10.15 -18.14 -8.53
CA SER B 67 10.58 -17.96 -9.93
C SER B 67 11.22 -19.20 -10.58
N GLU B 68 12.27 -19.69 -9.96
CA GLU B 68 13.04 -20.85 -10.45
CA GLU B 68 13.04 -20.86 -10.45
C GLU B 68 12.23 -22.16 -10.50
N PHE B 69 11.61 -22.53 -9.38
CA PHE B 69 10.93 -23.78 -9.30
C PHE B 69 9.40 -23.73 -9.49
N GLY B 70 8.82 -22.53 -9.56
CA GLY B 70 7.38 -22.36 -9.69
C GLY B 70 6.64 -22.58 -8.36
N TRP B 71 5.45 -23.16 -8.43
CA TRP B 71 4.61 -23.40 -7.22
C TRP B 71 4.97 -24.72 -6.53
N GLU B 72 5.26 -24.67 -5.25
CA GLU B 72 5.43 -25.91 -4.45
C GLU B 72 4.04 -26.56 -4.24
N LYS B 73 3.99 -27.68 -3.53
CA LYS B 73 2.71 -28.30 -3.22
C LYS B 73 1.92 -27.53 -2.14
N PRO B 74 0.60 -27.57 -2.18
CA PRO B 74 -0.12 -26.84 -1.16
C PRO B 74 -0.16 -27.60 0.15
N HIS B 75 -0.08 -26.91 1.29
CA HIS B 75 -0.19 -27.55 2.63
C HIS B 75 -1.32 -27.02 3.52
N ILE B 76 -2.15 -27.90 4.08
CA ILE B 76 -3.05 -27.54 5.17
C ILE B 76 -2.41 -27.96 6.48
N LYS B 77 -2.19 -26.99 7.40
CA LYS B 77 -1.47 -27.25 8.63
C LYS B 77 -1.96 -26.40 9.81
N PRO B 78 -1.47 -26.71 11.03
CA PRO B 78 -1.93 -25.85 12.13
C PRO B 78 -1.59 -24.36 11.90
N LEU B 79 -2.54 -23.49 12.26
CA LEU B 79 -2.30 -22.06 12.31
C LEU B 79 -0.97 -21.82 13.00
N GLN B 80 -0.08 -21.04 12.37
CA GLN B 80 1.28 -20.77 12.87
C GLN B 80 1.70 -19.38 12.48
N ASN B 81 2.73 -18.85 13.15
CA ASN B 81 3.45 -17.73 12.55
C ASN B 81 4.07 -18.10 11.23
N LEU B 82 4.13 -17.10 10.37
CA LEU B 82 4.98 -17.12 9.15
C LEU B 82 6.41 -16.72 9.47
N SER B 83 7.39 -17.44 8.90
CA SER B 83 8.84 -17.08 9.00
C SER B 83 9.24 -16.40 7.70
N LEU B 84 9.48 -15.08 7.79
CA LEU B 84 9.73 -14.23 6.60
C LEU B 84 11.04 -13.48 6.74
N HIS B 85 11.82 -13.54 5.67
CA HIS B 85 12.93 -12.64 5.47
C HIS B 85 12.51 -11.15 5.66
N PRO B 86 13.24 -10.42 6.53
CA PRO B 86 12.89 -9.03 6.82
C PRO B 86 12.96 -8.07 5.59
N GLY B 87 13.69 -8.48 4.55
CA GLY B 87 13.65 -7.85 3.22
C GLY B 87 12.38 -8.10 2.38
N SER B 88 11.45 -8.92 2.87
CA SER B 88 10.29 -9.38 2.10
C SER B 88 9.54 -8.21 1.48
N SER B 89 9.40 -8.18 0.14
CA SER B 89 8.81 -6.99 -0.46
C SER B 89 7.37 -6.66 0.02
N ALA B 90 6.61 -7.62 0.55
CA ALA B 90 5.28 -7.28 1.13
C ALA B 90 5.39 -6.25 2.26
N LEU B 91 6.57 -6.20 2.87
CA LEU B 91 6.75 -5.37 4.05
C LEU B 91 7.29 -4.00 3.75
N HIS B 92 7.86 -3.84 2.57
CA HIS B 92 8.49 -2.63 2.18
C HIS B 92 7.68 -1.85 1.13
N TYR B 93 7.20 -2.53 0.11
CA TYR B 93 6.57 -1.88 -1.05
C TYR B 93 5.14 -2.38 -1.22
N ALA B 94 4.60 -2.95 -0.15
CA ALA B 94 3.24 -3.43 -0.09
C ALA B 94 2.85 -4.32 -1.27
N VAL B 95 3.76 -5.23 -1.60
CA VAL B 95 3.49 -6.21 -2.66
C VAL B 95 2.55 -7.23 -2.06
N GLU B 96 1.26 -6.95 -2.12
CA GLU B 96 0.37 -7.76 -1.36
C GLU B 96 -1.07 -7.54 -1.73
N LEU B 97 -1.91 -8.56 -1.53
CA LEU B 97 -3.33 -8.45 -1.86
C LEU B 97 -4.11 -9.50 -1.12
N PHE B 98 -5.40 -9.29 -0.99
CA PHE B 98 -6.22 -10.24 -0.25
C PHE B 98 -7.62 -10.37 -0.82
N GLU B 99 -8.38 -11.32 -0.26
CA GLU B 99 -9.81 -11.48 -0.53
C GLU B 99 -10.56 -11.69 0.73
N GLY B 100 -11.88 -11.72 0.57
CA GLY B 100 -12.79 -11.93 1.70
C GLY B 100 -14.10 -12.57 1.24
N LEU B 101 -14.33 -13.82 1.65
CA LEU B 101 -15.62 -14.51 1.43
C LEU B 101 -16.04 -15.26 2.67
N LYS B 102 -17.25 -15.84 2.60
CA LYS B 102 -17.91 -16.52 3.73
C LYS B 102 -18.48 -17.90 3.44
N ALA B 103 -18.37 -18.77 4.44
CA ALA B 103 -19.17 -19.97 4.51
C ALA B 103 -20.33 -19.80 5.52
N PHE B 104 -21.48 -20.33 5.14
CA PHE B 104 -22.70 -20.22 5.90
C PHE B 104 -23.24 -21.62 6.20
N ARG B 105 -23.52 -21.89 7.49
CA ARG B 105 -24.22 -23.11 7.91
C ARG B 105 -25.77 -22.97 7.67
N GLY B 106 -26.34 -23.80 6.83
CA GLY B 106 -27.75 -23.67 6.51
C GLY B 106 -28.71 -24.04 7.63
N VAL B 107 -29.94 -23.57 7.52
CA VAL B 107 -31.00 -24.09 8.36
C VAL B 107 -31.10 -25.61 8.20
N ASP B 108 -30.67 -26.15 7.06
CA ASP B 108 -30.65 -27.60 6.77
C ASP B 108 -29.34 -28.24 7.15
N ASN B 109 -28.45 -27.44 7.74
CA ASN B 109 -27.15 -27.89 8.22
C ASN B 109 -26.17 -28.27 7.15
N LYS B 110 -26.46 -27.87 5.92
CA LYS B 110 -25.45 -27.94 4.88
C LYS B 110 -24.72 -26.60 4.79
N ILE B 111 -23.39 -26.66 4.79
CA ILE B 111 -22.54 -25.48 4.72
C ILE B 111 -22.42 -25.08 3.24
N ARG B 112 -22.56 -23.78 2.98
CA ARG B 112 -22.53 -23.23 1.63
C ARG B 112 -21.54 -22.09 1.47
N LEU B 113 -20.97 -21.99 0.29
CA LEU B 113 -20.28 -20.78 -0.15
C LEU B 113 -21.21 -19.95 -1.01
N PHE B 114 -20.89 -18.67 -1.12
CA PHE B 114 -21.68 -17.64 -1.81
C PHE B 114 -20.84 -16.97 -2.90
N GLN B 115 -21.17 -17.28 -4.15
CA GLN B 115 -20.48 -16.77 -5.37
C GLN B 115 -18.93 -16.74 -5.28
N PRO B 116 -18.33 -17.84 -4.81
CA PRO B 116 -16.91 -17.81 -4.49
C PRO B 116 -16.05 -17.72 -5.72
N ASN B 117 -16.54 -18.24 -6.84
CA ASN B 117 -15.81 -18.09 -8.11
CA ASN B 117 -15.87 -18.09 -8.13
C ASN B 117 -15.57 -16.62 -8.48
N LEU B 118 -16.50 -15.72 -8.12
CA LEU B 118 -16.28 -14.27 -8.35
C LEU B 118 -15.11 -13.72 -7.51
N ASN B 119 -14.98 -14.17 -6.27
CA ASN B 119 -13.80 -13.75 -5.48
C ASN B 119 -12.49 -14.25 -6.05
N MET B 120 -12.52 -15.47 -6.60
CA MET B 120 -11.33 -16.10 -7.23
C MET B 120 -10.91 -15.31 -8.49
N ASP B 121 -11.91 -14.93 -9.29
CA ASP B 121 -11.70 -14.11 -10.49
C ASP B 121 -11.02 -12.76 -10.15
N ARG B 122 -11.55 -12.12 -9.11
CA ARG B 122 -11.08 -10.87 -8.64
C ARG B 122 -9.65 -10.98 -8.06
N MET B 123 -9.39 -12.02 -7.28
CA MET B 123 -8.06 -12.25 -6.71
C MET B 123 -7.01 -12.45 -7.81
N TYR B 124 -7.40 -13.16 -8.87
CA TYR B 124 -6.50 -13.44 -10.00
C TYR B 124 -6.17 -12.17 -10.75
N ARG B 125 -7.21 -11.41 -11.07
CA ARG B 125 -7.01 -10.11 -11.71
C ARG B 125 -6.10 -9.20 -10.86
N SER B 126 -6.30 -9.12 -9.55
CA SER B 126 -5.45 -8.29 -8.69
C SER B 126 -3.99 -8.77 -8.61
N ALA B 127 -3.79 -10.09 -8.65
CA ALA B 127 -2.46 -10.66 -8.71
C ALA B 127 -1.71 -10.20 -9.93
N VAL B 128 -2.40 -10.27 -11.06
CA VAL B 128 -1.83 -9.82 -12.32
C VAL B 128 -1.37 -8.34 -12.15
N ARG B 129 -2.23 -7.51 -11.62
CA ARG B 129 -1.90 -6.10 -11.40
C ARG B 129 -0.81 -5.81 -10.35
N ALA B 130 -0.68 -6.68 -9.36
CA ALA B 130 0.43 -6.64 -8.39
C ALA B 130 1.77 -7.23 -8.88
N THR B 131 1.76 -7.94 -10.02
CA THR B 131 2.92 -8.71 -10.56
C THR B 131 3.25 -9.94 -9.72
N LEU B 132 2.24 -10.40 -8.96
CA LEU B 132 2.33 -11.66 -8.23
C LEU B 132 2.02 -12.79 -9.24
N PRO B 133 2.51 -14.03 -8.99
CA PRO B 133 2.38 -15.14 -9.94
C PRO B 133 0.96 -15.68 -10.06
N VAL B 134 0.58 -16.10 -11.26
CA VAL B 134 -0.79 -16.48 -11.48
C VAL B 134 -0.96 -17.89 -10.94
N PHE B 135 -2.22 -18.27 -10.73
CA PHE B 135 -2.52 -19.56 -10.16
C PHE B 135 -3.84 -20.02 -10.78
N ASP B 136 -4.08 -21.32 -10.73
CA ASP B 136 -5.28 -21.94 -11.25
C ASP B 136 -6.40 -21.73 -10.23
N LYS B 137 -7.34 -20.89 -10.63
CA LYS B 137 -8.48 -20.48 -9.79
C LYS B 137 -9.32 -21.60 -9.20
N GLU B 138 -9.61 -22.59 -10.03
CA GLU B 138 -10.31 -23.78 -9.61
C GLU B 138 -9.57 -24.55 -8.53
N GLU B 139 -8.28 -24.67 -8.66
CA GLU B 139 -7.50 -25.44 -7.70
C GLU B 139 -7.43 -24.74 -6.35
N LEU B 140 -7.41 -23.41 -6.37
CA LEU B 140 -7.41 -22.63 -5.12
C LEU B 140 -8.77 -22.79 -4.42
N LEU B 141 -9.86 -22.63 -5.15
CA LEU B 141 -11.18 -22.82 -4.53
C LEU B 141 -11.30 -24.25 -3.94
N GLU B 142 -10.83 -25.26 -4.66
CA GLU B 142 -10.80 -26.61 -4.11
C GLU B 142 -9.98 -26.76 -2.82
N CYS B 143 -8.78 -26.20 -2.79
CA CYS B 143 -7.97 -26.21 -1.57
C CYS B 143 -8.68 -25.52 -0.41
N ILE B 144 -9.34 -24.40 -0.71
CA ILE B 144 -10.08 -23.62 0.26
C ILE B 144 -11.25 -24.41 0.83
N GLN B 145 -11.97 -25.12 -0.04
CA GLN B 145 -13.02 -25.98 0.41
C GLN B 145 -12.48 -27.13 1.30
N GLN B 146 -11.36 -27.72 0.93
CA GLN B 146 -10.79 -28.77 1.77
C GLN B 146 -10.37 -28.18 3.14
N LEU B 147 -9.92 -26.94 3.18
CA LEU B 147 -9.53 -26.32 4.47
C LEU B 147 -10.76 -26.04 5.33
N VAL B 148 -11.82 -25.59 4.70
CA VAL B 148 -13.07 -25.36 5.37
C VAL B 148 -13.65 -26.62 5.93
N LYS B 149 -13.61 -27.68 5.11
CA LYS B 149 -14.18 -28.96 5.54
C LYS B 149 -13.49 -29.52 6.81
N LEU B 150 -12.17 -29.42 6.86
CA LEU B 150 -11.42 -29.91 7.98
C LEU B 150 -11.81 -29.09 9.22
N ASP B 151 -11.95 -27.77 9.05
CA ASP B 151 -12.34 -26.87 10.16
C ASP B 151 -13.85 -26.61 10.20
N GLN B 152 -14.65 -27.53 9.69
CA GLN B 152 -16.09 -27.21 9.49
C GLN B 152 -16.89 -26.92 10.72
N GLU B 153 -16.49 -27.48 11.88
CA GLU B 153 -17.20 -27.24 13.12
C GLU B 153 -17.02 -25.79 13.58
N TRP B 154 -16.03 -25.05 13.05
CA TRP B 154 -15.98 -23.59 13.21
C TRP B 154 -17.05 -22.75 12.44
N VAL B 155 -17.72 -23.32 11.44
CA VAL B 155 -18.78 -22.58 10.78
C VAL B 155 -19.91 -22.56 11.80
N PRO B 156 -20.27 -21.36 12.33
CA PRO B 156 -21.09 -21.34 13.57
C PRO B 156 -22.51 -21.80 13.38
N TYR B 157 -23.04 -22.36 14.46
CA TYR B 157 -24.40 -22.85 14.58
C TYR B 157 -25.30 -21.67 15.03
N SER B 158 -25.59 -20.79 14.07
CA SER B 158 -26.31 -19.55 14.30
C SER B 158 -26.60 -18.99 12.90
N THR B 159 -27.77 -18.39 12.70
CA THR B 159 -28.18 -17.81 11.43
C THR B 159 -27.88 -16.32 11.31
N SER B 160 -27.24 -15.74 12.32
CA SER B 160 -26.62 -14.41 12.20
CA SER B 160 -26.62 -14.40 12.21
C SER B 160 -25.10 -14.49 12.42
N ALA B 161 -24.47 -15.55 11.91
CA ALA B 161 -23.04 -15.70 12.05
C ALA B 161 -22.55 -16.58 10.94
N SER B 162 -21.24 -16.52 10.72
CA SER B 162 -20.65 -17.15 9.57
C SER B 162 -19.15 -17.34 9.75
N LEU B 163 -18.55 -18.04 8.79
CA LEU B 163 -17.12 -18.20 8.82
C LEU B 163 -16.47 -17.42 7.71
N TYR B 164 -15.64 -16.48 8.12
CA TYR B 164 -14.89 -15.63 7.22
C TYR B 164 -13.61 -16.32 6.75
N ILE B 165 -13.40 -16.23 5.46
CA ILE B 165 -12.28 -16.89 4.78
C ILE B 165 -11.40 -15.81 4.19
N ARG B 166 -10.08 -15.88 4.41
CA ARG B 166 -9.21 -14.71 4.05
C ARG B 166 -8.04 -15.22 3.27
N PRO B 167 -8.25 -15.48 1.95
CA PRO B 167 -7.11 -15.72 1.12
C PRO B 167 -6.24 -14.48 1.11
N THR B 168 -4.94 -14.66 1.22
CA THR B 168 -4.00 -13.56 1.27
C THR B 168 -2.78 -13.95 0.43
N PHE B 169 -2.11 -12.98 -0.18
CA PHE B 169 -1.07 -13.28 -1.16
C PHE B 169 0.00 -12.21 -1.06
N ILE B 170 1.24 -12.60 -0.70
CA ILE B 170 2.30 -11.67 -0.44
C ILE B 170 3.61 -11.94 -1.16
N GLY B 171 4.32 -10.90 -1.56
CA GLY B 171 5.70 -11.01 -2.04
C GLY B 171 6.69 -11.28 -0.93
N THR B 172 7.57 -12.26 -1.14
CA THR B 172 8.55 -12.69 -0.08
C THR B 172 9.96 -12.64 -0.65
N GLU B 173 10.11 -11.80 -1.66
CA GLU B 173 11.36 -11.50 -2.29
C GLU B 173 12.27 -10.84 -1.28
N PRO B 174 13.40 -11.49 -1.01
CA PRO B 174 14.33 -11.05 0.02
C PRO B 174 15.27 -9.90 -0.39
N SER B 175 14.96 -9.16 -1.44
CA SER B 175 15.83 -8.07 -1.90
C SER B 175 15.11 -6.71 -2.01
N LEU B 176 15.88 -5.65 -1.76
CA LEU B 176 15.33 -4.29 -1.59
C LEU B 176 14.99 -3.54 -2.88
N GLY B 177 15.30 -4.03 -4.05
CA GLY B 177 14.93 -3.24 -5.23
C GLY B 177 13.45 -3.30 -5.44
N VAL B 178 12.83 -2.19 -5.85
CA VAL B 178 11.47 -2.20 -6.35
C VAL B 178 11.41 -2.99 -7.65
N LYS B 179 10.92 -4.23 -7.60
CA LYS B 179 10.76 -5.05 -8.81
C LYS B 179 9.81 -6.21 -8.60
N LYS B 180 9.44 -6.85 -9.69
CA LYS B 180 8.56 -8.03 -9.66
C LYS B 180 9.19 -9.12 -8.74
N PRO B 181 8.41 -9.65 -7.80
CA PRO B 181 9.10 -10.55 -6.86
C PRO B 181 9.36 -11.91 -7.51
N THR B 182 10.42 -12.58 -7.06
CA THR B 182 10.81 -13.90 -7.53
C THR B 182 10.52 -15.00 -6.47
N LYS B 183 9.88 -14.57 -5.38
CA LYS B 183 9.39 -15.44 -4.29
C LYS B 183 8.02 -14.89 -3.76
N ALA B 184 7.09 -15.78 -3.39
CA ALA B 184 5.74 -15.38 -2.96
C ALA B 184 5.11 -16.45 -2.08
N LEU B 185 4.17 -16.06 -1.23
CA LEU B 185 3.43 -16.97 -0.40
C LEU B 185 1.97 -16.70 -0.59
N LEU B 186 1.19 -17.73 -0.91
CA LEU B 186 -0.27 -17.64 -0.91
C LEU B 186 -0.81 -18.34 0.32
N PHE B 187 -1.60 -17.68 1.15
CA PHE B 187 -2.11 -18.33 2.36
C PHE B 187 -3.61 -18.01 2.62
N VAL B 188 -4.31 -18.89 3.36
CA VAL B 188 -5.74 -18.65 3.72
C VAL B 188 -5.94 -18.87 5.23
N LEU B 189 -6.55 -17.88 5.91
CA LEU B 189 -6.98 -17.99 7.27
C LEU B 189 -8.50 -18.07 7.31
N LEU B 190 -9.03 -18.63 8.38
CA LEU B 190 -10.46 -18.67 8.62
C LEU B 190 -10.73 -18.04 9.97
N SER B 191 -11.83 -17.27 10.03
CA SER B 191 -12.19 -16.54 11.24
C SER B 191 -13.67 -16.48 11.38
N PRO B 192 -14.17 -17.06 12.47
CA PRO B 192 -15.59 -16.99 12.78
C PRO B 192 -16.01 -15.55 13.13
N VAL B 193 -17.11 -15.09 12.53
CA VAL B 193 -17.60 -13.73 12.80
C VAL B 193 -19.12 -13.67 12.94
N GLY B 194 -19.58 -12.67 13.68
CA GLY B 194 -21.00 -12.26 13.75
C GLY B 194 -21.15 -11.02 12.89
N PRO B 195 -21.54 -9.88 13.49
CA PRO B 195 -21.45 -8.59 12.73
C PRO B 195 -20.02 -7.96 12.61
N TYR B 196 -19.79 -7.08 11.61
CA TYR B 196 -18.48 -6.41 11.40
C TYR B 196 -18.12 -5.34 12.48
N PHE B 197 -19.11 -4.52 12.87
CA PHE B 197 -18.90 -3.45 13.87
C PHE B 197 -19.30 -3.91 15.26
N PHE B 202 -30.73 -4.07 13.36
CA PHE B 202 -29.85 -3.17 12.60
C PHE B 202 -29.16 -2.17 13.53
N ASN B 203 -27.84 -2.11 13.46
CA ASN B 203 -27.06 -1.06 14.12
C ASN B 203 -26.79 0.01 13.08
N PRO B 204 -27.48 1.17 13.14
CA PRO B 204 -27.09 2.19 12.18
C PRO B 204 -25.78 2.86 12.53
N VAL B 205 -25.01 3.22 11.50
CA VAL B 205 -23.73 3.86 11.70
C VAL B 205 -23.78 5.36 11.38
N SER B 206 -22.83 6.11 11.93
CA SER B 206 -22.57 7.50 11.54
C SER B 206 -21.24 7.56 10.78
N LEU B 207 -21.18 8.47 9.81
CA LEU B 207 -20.09 8.54 8.85
C LEU B 207 -19.37 9.90 8.93
N TRP B 208 -18.03 9.87 8.88
CA TRP B 208 -17.15 11.05 8.86
C TRP B 208 -16.74 11.36 7.39
N ALA B 209 -17.06 12.55 6.90
CA ALA B 209 -16.80 12.98 5.54
C ALA B 209 -15.88 14.20 5.56
N ASN B 210 -14.62 13.95 5.23
CA ASN B 210 -13.62 15.00 5.16
C ASN B 210 -12.93 14.86 3.79
N PRO B 211 -13.24 15.74 2.82
CA PRO B 211 -12.66 15.67 1.47
C PRO B 211 -11.14 15.90 1.40
N LYS B 212 -10.53 16.31 2.49
CA LYS B 212 -9.08 16.38 2.54
C LYS B 212 -8.38 15.04 2.22
N TYR B 213 -9.00 13.89 2.51
CA TYR B 213 -8.36 12.60 2.25
C TYR B 213 -9.08 11.90 1.07
N VAL B 214 -8.32 11.22 0.22
CA VAL B 214 -8.91 10.44 -0.90
C VAL B 214 -8.43 8.99 -0.75
N ARG B 215 -9.31 8.04 -1.02
CA ARG B 215 -8.99 6.63 -0.87
CA ARG B 215 -9.02 6.61 -0.87
C ARG B 215 -8.33 6.08 -2.12
N ALA B 216 -8.79 6.54 -3.27
CA ALA B 216 -8.39 6.00 -4.51
C ALA B 216 -8.68 7.06 -5.58
N TRP B 217 -7.97 6.98 -6.69
CA TRP B 217 -8.05 7.97 -7.74
C TRP B 217 -8.02 7.30 -9.10
N LYS B 218 -8.52 7.99 -10.11
CA LYS B 218 -8.43 7.51 -11.48
C LYS B 218 -6.99 7.25 -11.97
N GLY B 219 -6.80 6.08 -12.56
CA GLY B 219 -5.47 5.61 -12.93
C GLY B 219 -4.75 4.91 -11.78
N GLY B 220 -5.47 4.73 -10.68
CA GLY B 220 -4.99 4.06 -9.44
C GLY B 220 -5.46 2.63 -9.33
N THR B 221 -5.52 2.11 -8.11
CA THR B 221 -5.76 0.68 -7.89
C THR B 221 -6.94 0.44 -6.98
N GLY B 222 -7.79 1.45 -6.81
CA GLY B 222 -8.98 1.31 -6.00
C GLY B 222 -9.97 0.28 -6.44
N ASP B 223 -9.87 -0.21 -7.67
CA ASP B 223 -10.85 -1.26 -8.11
C ASP B 223 -10.37 -2.67 -7.80
N CYS B 224 -9.31 -2.79 -7.00
CA CYS B 224 -8.96 -4.11 -6.50
CA CYS B 224 -8.72 -4.08 -6.58
C CYS B 224 -8.52 -4.07 -5.06
N LYS B 225 -8.44 -5.26 -4.45
CA LYS B 225 -8.21 -5.37 -2.99
C LYS B 225 -6.70 -5.47 -2.69
N MET B 226 -5.94 -4.48 -3.12
CA MET B 226 -4.49 -4.43 -2.84
C MET B 226 -4.30 -3.72 -1.53
N GLY B 227 -3.31 -4.20 -0.77
CA GLY B 227 -3.15 -3.73 0.58
C GLY B 227 -2.86 -2.25 0.73
N GLY B 228 -2.16 -1.67 -0.27
CA GLY B 228 -1.89 -0.22 -0.30
C GLY B 228 -3.10 0.71 -0.19
N ASN B 229 -4.25 0.30 -0.75
CA ASN B 229 -5.49 1.09 -0.62
C ASN B 229 -5.97 1.30 0.84
N TYR B 230 -5.56 0.40 1.74
CA TYR B 230 -6.07 0.38 3.11
C TYR B 230 -5.10 1.09 4.06
N GLY B 231 -3.80 0.96 3.83
CA GLY B 231 -2.76 1.67 4.61
C GLY B 231 -2.98 3.15 4.81
N SER B 232 -3.30 3.82 3.72
CA SER B 232 -3.55 5.26 3.67
C SER B 232 -4.90 5.69 4.25
N SER B 233 -5.85 4.77 4.27
CA SER B 233 -7.18 5.04 4.81
CA SER B 233 -7.17 5.03 4.81
C SER B 233 -7.20 5.16 6.34
N LEU B 234 -6.17 4.65 7.02
CA LEU B 234 -6.21 4.52 8.51
C LEU B 234 -6.27 5.82 9.26
N PHE B 235 -5.55 6.80 8.78
CA PHE B 235 -5.51 8.10 9.47
C PHE B 235 -6.95 8.65 9.55
N ALA B 236 -7.67 8.53 8.45
CA ALA B 236 -9.01 9.08 8.32
C ALA B 236 -9.97 8.29 9.22
N GLN B 237 -9.86 6.98 9.14
CA GLN B 237 -10.61 6.07 10.00
C GLN B 237 -10.38 6.34 11.49
N CYS B 238 -9.15 6.70 11.91
CA CYS B 238 -8.92 7.17 13.30
C CYS B 238 -9.54 8.50 13.59
N GLU B 239 -9.43 9.38 12.61
CA GLU B 239 -10.09 10.69 12.70
C GLU B 239 -11.63 10.49 12.83
N ALA B 240 -12.16 9.41 12.25
CA ALA B 240 -13.60 9.15 12.33
C ALA B 240 -14.00 8.76 13.76
N VAL B 241 -13.19 7.90 14.38
CA VAL B 241 -13.45 7.50 15.76
C VAL B 241 -13.32 8.70 16.73
N ASP B 242 -12.25 9.50 16.61
CA ASP B 242 -12.14 10.74 17.40
C ASP B 242 -13.41 11.55 17.41
N ASN B 243 -14.21 11.44 16.34
CA ASN B 243 -15.46 12.22 16.27
C ASN B 243 -16.73 11.44 16.51
N GLY B 244 -16.59 10.19 16.94
CA GLY B 244 -17.71 9.37 17.29
C GLY B 244 -18.38 8.82 16.05
N CYS B 245 -17.62 8.66 14.97
CA CYS B 245 -18.12 7.91 13.82
C CYS B 245 -17.50 6.53 13.79
N GLN B 246 -18.24 5.63 13.17
CA GLN B 246 -17.88 4.24 13.02
C GLN B 246 -17.16 4.06 11.70
N GLN B 247 -17.43 4.96 10.74
CA GLN B 247 -16.83 4.82 9.43
C GLN B 247 -16.56 6.14 8.72
N VAL B 248 -15.80 6.03 7.63
CA VAL B 248 -15.42 7.16 6.82
C VAL B 248 -16.30 7.11 5.59
N LEU B 249 -16.85 8.26 5.20
CA LEU B 249 -17.47 8.35 3.90
C LEU B 249 -16.48 8.97 2.95
N TRP B 250 -16.06 8.20 1.93
CA TRP B 250 -15.03 8.61 1.02
C TRP B 250 -15.54 9.52 -0.08
N LEU B 251 -15.02 10.75 -0.10
CA LEU B 251 -15.37 11.73 -1.12
C LEU B 251 -14.24 11.89 -2.15
N TYR B 252 -14.65 12.31 -3.36
CA TYR B 252 -13.77 12.44 -4.54
C TYR B 252 -14.15 13.59 -5.51
N GLY B 253 -13.11 14.29 -5.94
CA GLY B 253 -13.23 15.36 -6.89
C GLY B 253 -13.66 16.64 -6.24
N GLU B 254 -13.66 17.69 -7.06
CA GLU B 254 -13.98 19.03 -6.60
CA GLU B 254 -13.97 19.05 -6.66
C GLU B 254 -15.46 19.13 -6.28
N ASP B 255 -16.28 18.27 -6.87
CA ASP B 255 -17.71 18.33 -6.55
C ASP B 255 -18.11 17.42 -5.38
N HIS B 256 -17.15 16.71 -4.79
CA HIS B 256 -17.44 15.89 -3.64
C HIS B 256 -18.44 14.80 -3.99
N GLN B 257 -18.06 13.95 -4.94
CA GLN B 257 -18.78 12.73 -5.19
C GLN B 257 -18.62 11.82 -3.97
N ILE B 258 -19.71 11.15 -3.62
CA ILE B 258 -19.74 10.14 -2.64
C ILE B 258 -19.50 8.77 -3.28
N THR B 259 -18.45 8.10 -2.80
CA THR B 259 -17.94 6.93 -3.48
C THR B 259 -18.26 5.64 -2.72
N GLU B 260 -17.80 5.59 -1.45
CA GLU B 260 -17.84 4.37 -0.64
C GLU B 260 -17.96 4.68 0.82
N VAL B 261 -18.49 3.73 1.58
CA VAL B 261 -18.81 3.86 3.01
C VAL B 261 -17.77 2.97 3.68
N GLY B 262 -16.71 3.58 4.20
CA GLY B 262 -15.55 2.82 4.68
C GLY B 262 -15.00 1.92 3.59
N THR B 263 -14.97 0.63 3.88
CA THR B 263 -14.70 -0.43 2.93
C THR B 263 -15.97 -1.07 2.31
N MET B 264 -17.15 -0.45 2.34
CA MET B 264 -18.36 -1.00 1.71
C MET B 264 -18.81 -0.17 0.51
N ASN B 265 -19.57 -0.78 -0.38
CA ASN B 265 -20.20 -0.03 -1.46
C ASN B 265 -21.36 0.75 -0.94
N LEU B 266 -21.66 1.88 -1.58
CA LEU B 266 -22.68 2.79 -1.09
C LEU B 266 -23.90 2.79 -1.97
N PHE B 267 -25.07 2.74 -1.34
CA PHE B 267 -26.38 2.76 -2.00
C PHE B 267 -27.26 3.83 -1.39
N LEU B 268 -28.00 4.48 -2.27
CA LEU B 268 -28.91 5.56 -1.91
C LEU B 268 -30.25 5.29 -2.52
N TYR B 269 -31.27 5.28 -1.66
CA TYR B 269 -32.67 5.04 -2.06
C TYR B 269 -33.44 6.33 -1.86
N TRP B 270 -33.98 6.91 -2.93
CA TRP B 270 -34.48 8.28 -2.88
C TRP B 270 -35.50 8.58 -3.97
N ILE B 271 -36.02 9.81 -3.97
CA ILE B 271 -36.78 10.31 -5.14
C ILE B 271 -35.71 11.10 -5.90
N ASN B 272 -35.45 10.74 -7.16
CA ASN B 272 -34.38 11.42 -7.88
C ASN B 272 -34.87 12.82 -8.39
N GLU B 273 -34.02 13.50 -9.14
CA GLU B 273 -34.26 14.89 -9.54
C GLU B 273 -35.40 15.01 -10.57
N ASP B 274 -35.69 13.93 -11.30
CA ASP B 274 -36.86 13.85 -12.19
C ASP B 274 -38.11 13.36 -11.51
N GLY B 275 -38.11 13.33 -10.18
CA GLY B 275 -39.27 12.85 -9.44
C GLY B 275 -39.51 11.34 -9.47
N GLU B 276 -38.50 10.56 -9.90
CA GLU B 276 -38.65 9.09 -9.95
C GLU B 276 -38.02 8.46 -8.68
N GLU B 277 -38.67 7.39 -8.25
CA GLU B 277 -38.18 6.58 -7.14
C GLU B 277 -37.01 5.78 -7.69
N GLU B 278 -35.89 5.74 -6.96
CA GLU B 278 -34.64 5.18 -7.55
C GLU B 278 -33.69 4.62 -6.56
N LEU B 279 -33.13 3.47 -6.89
CA LEU B 279 -31.95 2.97 -6.18
C LEU B 279 -30.70 3.30 -6.98
N ALA B 280 -29.77 4.03 -6.35
CA ALA B 280 -28.62 4.55 -7.00
C ALA B 280 -27.36 4.11 -6.27
N THR B 281 -26.30 3.90 -7.05
CA THR B 281 -24.99 3.56 -6.48
C THR B 281 -23.94 4.05 -7.48
N PRO B 282 -22.75 4.48 -6.99
CA PRO B 282 -21.72 4.90 -7.96
C PRO B 282 -21.33 3.85 -9.00
N PRO B 283 -20.97 4.28 -10.21
CA PRO B 283 -20.62 3.37 -11.28
C PRO B 283 -19.18 2.90 -11.13
N LEU B 284 -18.87 1.79 -11.81
CA LEU B 284 -17.56 1.13 -11.73
C LEU B 284 -16.62 1.79 -12.73
N ASP B 285 -16.04 2.92 -12.35
CA ASP B 285 -15.24 3.70 -13.23
C ASP B 285 -13.78 3.67 -12.86
N GLY B 286 -13.34 2.74 -11.99
CA GLY B 286 -11.94 2.71 -11.60
C GLY B 286 -11.64 3.01 -10.13
N ILE B 287 -12.42 3.90 -9.51
CA ILE B 287 -12.15 4.31 -8.13
C ILE B 287 -12.98 3.53 -7.10
N ILE B 288 -13.78 2.57 -7.55
CA ILE B 288 -14.78 1.87 -6.73
C ILE B 288 -14.43 0.41 -6.79
N LEU B 289 -14.41 -0.27 -5.64
CA LEU B 289 -14.26 -1.71 -5.57
C LEU B 289 -15.53 -2.41 -6.09
N PRO B 290 -15.41 -3.34 -7.08
CA PRO B 290 -16.62 -4.00 -7.61
C PRO B 290 -17.12 -5.14 -6.70
N GLY B 291 -17.77 -4.75 -5.61
CA GLY B 291 -18.17 -5.71 -4.61
C GLY B 291 -19.14 -6.71 -5.13
N VAL B 292 -19.04 -7.92 -4.58
CA VAL B 292 -19.94 -9.04 -4.88
C VAL B 292 -21.38 -8.76 -4.41
N THR B 293 -21.49 -8.22 -3.19
CA THR B 293 -22.77 -7.80 -2.61
C THR B 293 -23.42 -6.72 -3.48
N ARG B 294 -22.64 -5.72 -3.84
CA ARG B 294 -23.11 -4.63 -4.69
C ARG B 294 -23.79 -5.23 -5.96
N ARG B 295 -23.09 -6.12 -6.65
CA ARG B 295 -23.63 -6.78 -7.88
C ARG B 295 -24.88 -7.61 -7.57
N CYS B 296 -24.91 -8.31 -6.44
CA CYS B 296 -26.17 -9.03 -6.12
C CYS B 296 -27.38 -8.11 -5.97
N ILE B 297 -27.16 -7.02 -5.24
CA ILE B 297 -28.25 -6.08 -4.92
C ILE B 297 -28.82 -5.40 -6.16
N LEU B 298 -27.93 -5.01 -7.08
CA LEU B 298 -28.35 -4.51 -8.39
C LEU B 298 -29.13 -5.56 -9.21
N ASP B 299 -28.71 -6.82 -9.18
CA ASP B 299 -29.49 -7.91 -9.88
C ASP B 299 -30.94 -8.09 -9.29
N LEU B 300 -30.98 -8.19 -7.97
CA LEU B 300 -32.24 -8.28 -7.23
C LEU B 300 -33.15 -7.12 -7.60
N ALA B 301 -32.57 -5.90 -7.55
CA ALA B 301 -33.37 -4.70 -7.75
C ALA B 301 -33.87 -4.58 -9.19
N HIS B 302 -33.02 -4.88 -10.18
CA HIS B 302 -33.54 -5.07 -11.57
C HIS B 302 -34.63 -6.12 -11.64
N GLN B 303 -34.46 -7.25 -10.95
CA GLN B 303 -35.41 -8.39 -11.05
C GLN B 303 -36.80 -8.00 -10.53
N TRP B 304 -36.85 -7.29 -9.40
CA TRP B 304 -38.10 -6.80 -8.80
C TRP B 304 -38.81 -5.74 -9.67
N GLY B 305 -38.03 -4.83 -10.26
CA GLY B 305 -38.59 -3.84 -11.23
C GLY B 305 -39.70 -2.98 -10.67
N GLU B 306 -39.56 -2.64 -9.39
CA GLU B 306 -40.53 -1.81 -8.66
C GLU B 306 -40.12 -0.34 -8.67
N PHE B 307 -38.87 -0.08 -9.00
CA PHE B 307 -38.32 1.26 -9.02
C PHE B 307 -37.06 1.34 -9.93
N LYS B 308 -36.64 2.54 -10.27
CA LYS B 308 -35.50 2.72 -11.14
C LYS B 308 -34.19 2.31 -10.43
N VAL B 309 -33.25 1.80 -11.22
CA VAL B 309 -31.96 1.33 -10.72
C VAL B 309 -30.90 1.99 -11.59
N SER B 310 -30.03 2.80 -10.97
CA SER B 310 -29.06 3.61 -11.71
C SER B 310 -27.66 3.54 -11.09
N GLU B 311 -26.69 3.21 -11.95
CA GLU B 311 -25.30 3.28 -11.56
C GLU B 311 -24.88 4.63 -12.06
N ARG B 312 -24.78 5.58 -11.13
CA ARG B 312 -24.61 6.98 -11.49
C ARG B 312 -23.78 7.70 -10.42
N TYR B 313 -23.25 8.85 -10.79
CA TYR B 313 -22.58 9.71 -9.85
C TYR B 313 -23.55 10.41 -8.84
N LEU B 314 -23.12 10.48 -7.60
CA LEU B 314 -23.89 11.23 -6.61
C LEU B 314 -22.96 12.13 -5.85
N THR B 315 -23.40 13.37 -5.60
CA THR B 315 -22.57 14.35 -4.85
C THR B 315 -23.19 14.70 -3.49
N MET B 316 -22.37 15.20 -2.58
CA MET B 316 -22.89 15.72 -1.31
C MET B 316 -24.00 16.76 -1.52
N ASP B 317 -23.86 17.57 -2.58
CA ASP B 317 -24.87 18.55 -2.95
C ASP B 317 -26.16 17.85 -3.41
N ASP B 318 -26.05 16.83 -4.27
CA ASP B 318 -27.25 16.05 -4.62
C ASP B 318 -27.93 15.59 -3.32
N LEU B 319 -27.16 15.12 -2.35
CA LEU B 319 -27.71 14.58 -1.12
C LEU B 319 -28.41 15.64 -0.27
N THR B 320 -27.73 16.77 -0.02
CA THR B 320 -28.30 17.79 0.85
C THR B 320 -29.50 18.50 0.23
N THR B 321 -29.45 18.78 -1.06
CA THR B 321 -30.62 19.27 -1.80
C THR B 321 -31.79 18.29 -1.73
N ALA B 322 -31.50 16.98 -1.75
CA ALA B 322 -32.55 15.98 -1.70
C ALA B 322 -33.16 15.93 -0.31
N LEU B 323 -32.30 15.91 0.71
CA LEU B 323 -32.79 15.93 2.09
C LEU B 323 -33.71 17.14 2.35
N GLU B 324 -33.31 18.31 1.88
CA GLU B 324 -34.10 19.51 2.08
C GLU B 324 -35.49 19.32 1.53
N GLY B 325 -35.58 18.64 0.39
CA GLY B 325 -36.89 18.29 -0.18
C GLY B 325 -37.57 17.06 0.39
N ASN B 326 -37.09 16.52 1.51
CA ASN B 326 -37.61 15.23 2.03
C ASN B 326 -37.67 14.13 0.96
N ARG B 327 -36.69 14.08 0.05
CA ARG B 327 -36.66 13.10 -1.05
C ARG B 327 -35.88 11.75 -0.72
N VAL B 328 -35.07 11.75 0.33
CA VAL B 328 -34.24 10.60 0.66
C VAL B 328 -34.99 9.64 1.55
N ARG B 329 -35.02 8.36 1.17
CA ARG B 329 -35.63 7.36 2.03
C ARG B 329 -34.62 6.62 2.89
N GLU B 330 -33.54 6.14 2.26
CA GLU B 330 -32.62 5.21 2.92
C GLU B 330 -31.25 5.35 2.28
N MET B 331 -30.19 5.20 3.07
CA MET B 331 -28.81 5.09 2.63
C MET B 331 -28.15 3.93 3.42
N PHE B 332 -27.45 3.05 2.72
CA PHE B 332 -26.79 1.92 3.36
C PHE B 332 -25.50 1.49 2.61
N GLY B 333 -24.61 0.89 3.39
CA GLY B 333 -23.45 0.22 2.92
C GLY B 333 -23.75 -1.23 2.58
N SER B 334 -22.88 -1.84 1.79
CA SER B 334 -22.96 -3.29 1.53
C SER B 334 -21.60 -3.85 1.14
N GLY B 335 -21.22 -4.88 1.84
CA GLY B 335 -19.96 -5.56 1.61
C GLY B 335 -20.04 -6.91 2.29
N THR B 336 -19.04 -7.74 2.08
CA THR B 336 -19.12 -9.12 2.56
C THR B 336 -19.26 -9.20 4.06
N ALA B 337 -18.44 -8.43 4.76
CA ALA B 337 -18.43 -8.42 6.22
C ALA B 337 -19.71 -7.89 6.79
N CYS B 338 -20.26 -6.84 6.19
CA CYS B 338 -21.60 -6.39 6.54
C CYS B 338 -22.49 -6.30 5.31
N VAL B 339 -23.40 -7.28 5.14
CA VAL B 339 -24.15 -7.38 3.90
C VAL B 339 -24.95 -6.14 3.58
N VAL B 340 -25.65 -5.61 4.60
CA VAL B 340 -26.41 -4.33 4.54
C VAL B 340 -26.15 -3.56 5.87
N CYS B 341 -25.56 -2.38 5.80
CA CYS B 341 -25.33 -1.53 7.00
C CYS B 341 -25.98 -0.16 6.81
N PRO B 342 -27.14 0.10 7.45
CA PRO B 342 -27.84 1.38 7.36
C PRO B 342 -27.07 2.54 7.95
N VAL B 343 -27.34 3.72 7.39
CA VAL B 343 -26.65 4.95 7.74
C VAL B 343 -27.66 6.00 8.24
N SER B 344 -27.42 6.54 9.45
CA SER B 344 -28.31 7.53 10.08
C SER B 344 -27.78 8.96 9.98
N ASP B 345 -26.45 9.12 9.88
CA ASP B 345 -25.79 10.40 10.06
C ASP B 345 -24.47 10.54 9.32
N ILE B 346 -24.20 11.77 8.84
CA ILE B 346 -22.97 12.15 8.19
C ILE B 346 -22.49 13.50 8.74
N LEU B 347 -21.24 13.51 9.19
CA LEU B 347 -20.53 14.69 9.67
C LEU B 347 -19.67 15.30 8.57
N TYR B 348 -19.97 16.55 8.23
CA TYR B 348 -19.45 17.22 7.07
C TYR B 348 -19.37 18.70 7.35
N LYS B 349 -18.19 19.30 7.14
CA LYS B 349 -18.06 20.75 7.19
C LYS B 349 -18.58 21.33 8.51
N GLY B 350 -18.28 20.66 9.62
CA GLY B 350 -18.72 21.14 10.93
C GLY B 350 -20.17 20.86 11.35
N GLU B 351 -21.02 20.43 10.41
CA GLU B 351 -22.43 20.14 10.72
C GLU B 351 -22.64 18.60 10.81
N THR B 352 -23.71 18.18 11.50
CA THR B 352 -24.24 16.82 11.39
C THR B 352 -25.42 16.84 10.38
N ILE B 353 -25.49 15.85 9.52
CA ILE B 353 -26.54 15.80 8.51
C ILE B 353 -27.29 14.51 8.78
N HIS B 354 -28.54 14.63 9.23
CA HIS B 354 -29.31 13.45 9.55
C HIS B 354 -29.86 12.79 8.31
N ILE B 355 -29.75 11.47 8.24
CA ILE B 355 -30.34 10.69 7.17
C ILE B 355 -31.45 9.82 7.73
N PRO B 356 -32.67 9.89 7.08
CA PRO B 356 -33.87 9.37 7.64
C PRO B 356 -34.15 7.89 7.39
N THR B 357 -33.07 7.13 7.21
CA THR B 357 -33.06 5.71 6.90
C THR B 357 -33.89 4.93 7.91
N MET B 358 -33.62 5.14 9.20
CA MET B 358 -34.28 4.35 10.23
C MET B 358 -35.73 4.78 10.47
N GLU B 359 -36.15 5.92 9.94
CA GLU B 359 -37.54 6.33 10.12
CA GLU B 359 -37.51 6.41 10.07
C GLU B 359 -38.34 5.96 8.86
N ASN B 360 -37.70 5.30 7.88
CA ASN B 360 -38.46 4.74 6.71
C ASN B 360 -38.36 3.21 6.67
N GLY B 361 -38.33 2.60 7.85
CA GLY B 361 -38.34 1.17 8.02
C GLY B 361 -37.12 0.64 8.75
N PRO B 362 -35.97 0.54 8.06
CA PRO B 362 -35.70 0.77 6.64
C PRO B 362 -36.17 -0.41 5.80
N LYS B 363 -37.24 -0.21 5.04
CA LYS B 363 -37.89 -1.25 4.28
C LYS B 363 -37.03 -1.89 3.25
N LEU B 364 -36.42 -1.09 2.41
CA LEU B 364 -35.65 -1.68 1.33
C LEU B 364 -34.50 -2.45 1.85
N ALA B 365 -33.82 -1.86 2.84
CA ALA B 365 -32.63 -2.47 3.45
C ALA B 365 -32.95 -3.78 4.12
N SER B 366 -34.11 -3.84 4.73
CA SER B 366 -34.59 -5.05 5.39
C SER B 366 -35.00 -6.10 4.37
N ARG B 367 -35.74 -5.68 3.34
CA ARG B 367 -36.03 -6.58 2.24
C ARG B 367 -34.73 -7.18 1.71
N ILE B 368 -33.75 -6.35 1.38
CA ILE B 368 -32.47 -6.84 0.85
C ILE B 368 -31.79 -7.81 1.86
N LEU B 369 -31.66 -7.40 3.13
CA LEU B 369 -31.01 -8.28 4.11
C LEU B 369 -31.70 -9.66 4.22
N SER B 370 -33.02 -9.64 4.27
CA SER B 370 -33.80 -10.85 4.37
C SER B 370 -33.62 -11.76 3.13
N LYS B 371 -33.60 -11.21 1.92
CA LYS B 371 -33.36 -12.07 0.74
C LYS B 371 -31.94 -12.69 0.66
N LEU B 372 -30.92 -11.90 0.90
CA LEU B 372 -29.58 -12.40 0.79
C LEU B 372 -29.34 -13.47 1.85
N THR B 373 -29.75 -13.20 3.09
CA THR B 373 -29.63 -14.20 4.15
C THR B 373 -30.49 -15.42 3.83
N ASP B 374 -31.71 -15.24 3.34
CA ASP B 374 -32.49 -16.39 2.86
C ASP B 374 -31.62 -17.29 1.95
N ILE B 375 -31.03 -16.69 0.94
CA ILE B 375 -30.15 -17.42 0.04
C ILE B 375 -28.90 -18.04 0.73
N GLN B 376 -28.18 -17.24 1.48
CA GLN B 376 -26.91 -17.63 2.09
C GLN B 376 -27.07 -18.80 3.07
N TYR B 377 -28.20 -18.81 3.81
CA TYR B 377 -28.49 -19.83 4.80
C TYR B 377 -29.44 -20.94 4.24
N GLY B 378 -29.62 -20.92 2.93
CA GLY B 378 -30.31 -22.01 2.24
C GLY B 378 -31.81 -22.12 2.41
N ARG B 379 -32.45 -21.08 2.94
CA ARG B 379 -33.92 -21.08 3.08
C ARG B 379 -34.58 -21.08 1.70
N GLU B 380 -33.82 -20.75 0.64
CA GLU B 380 -34.23 -20.96 -0.75
C GLU B 380 -33.07 -21.43 -1.67
N GLU B 381 -33.44 -22.09 -2.76
CA GLU B 381 -32.52 -22.52 -3.78
C GLU B 381 -31.93 -21.31 -4.51
N ARG B 382 -30.72 -21.47 -5.01
CA ARG B 382 -30.08 -20.38 -5.74
C ARG B 382 -28.86 -20.86 -6.49
N ASP B 383 -28.63 -20.28 -7.66
CA ASP B 383 -27.38 -20.48 -8.39
C ASP B 383 -26.20 -19.70 -7.81
N TRP B 384 -26.43 -18.88 -6.79
CA TRP B 384 -25.38 -18.10 -6.17
C TRP B 384 -24.72 -18.86 -5.02
N THR B 385 -25.32 -19.98 -4.60
CA THR B 385 -24.64 -20.79 -3.56
C THR B 385 -24.12 -22.10 -4.11
N ILE B 386 -23.10 -22.59 -3.41
CA ILE B 386 -22.43 -23.85 -3.69
C ILE B 386 -22.36 -24.57 -2.33
N VAL B 387 -22.83 -25.82 -2.28
CA VAL B 387 -22.72 -26.61 -1.05
C VAL B 387 -21.35 -27.21 -0.92
N LEU B 388 -20.77 -27.12 0.28
CA LEU B 388 -19.41 -27.64 0.56
C LEU B 388 -19.20 -29.06 0.04
N SER B 389 -18.08 -29.18 -0.67
CA SER B 389 -17.36 -30.38 -1.10
C SER B 389 -17.27 -31.44 -0.02
C1 HCI C . 16.39 6.59 -4.71
O1 HCI C . 16.86 6.39 -3.56
O2 HCI C . 17.06 6.97 -5.70
C2 HCI C . 14.89 6.26 -4.91
C3 HCI C . 14.19 5.71 -3.64
C1' HCI C . 14.24 4.17 -3.44
C2' HCI C . 15.44 3.46 -3.40
C3' HCI C . 15.46 2.08 -3.21
C4' HCI C . 14.26 1.40 -3.04
C5' HCI C . 13.07 2.11 -3.06
C6' HCI C . 13.04 3.48 -3.25
N1 PLP D . 10.68 9.80 -5.00
C2 PLP D . 9.99 8.79 -4.42
C2A PLP D . 8.59 8.47 -4.86
C3 PLP D . 10.65 8.01 -3.33
O3 PLP D . 10.01 6.99 -2.70
C4 PLP D . 12.04 8.36 -2.91
C4A PLP D . 12.68 7.59 -1.78
C5 PLP D . 12.68 9.51 -3.64
C6 PLP D . 11.95 10.15 -4.66
C5A PLP D . 14.10 9.98 -3.37
O4P PLP D . 14.23 10.57 -2.10
P PLP D . 15.70 10.70 -1.40
O1P PLP D . 16.31 9.34 -1.71
O2P PLP D . 15.31 11.01 0.06
O3P PLP D . 16.45 11.81 -2.12
C1 HCI E . -16.74 -5.39 3.51
O1 HCI E . -16.75 -6.64 3.44
O2 HCI E . -17.73 -4.66 3.78
C2 HCI E . -15.42 -4.66 3.28
C3 HCI E . -14.23 -5.62 3.06
C1' HCI E . -13.37 -5.79 4.30
C2' HCI E . -13.93 -6.27 5.48
C3' HCI E . -13.14 -6.41 6.60
C4' HCI E . -11.79 -6.09 6.54
C5' HCI E . -11.24 -5.62 5.37
C6' HCI E . -12.03 -5.46 4.24
N1 PLP F . -15.48 -1.37 -0.95
C2 PLP F . -14.21 -1.57 -0.51
C2A PLP F . -13.22 -0.42 -0.45
C3 PLP F . -13.75 -2.92 -0.09
O3 PLP F . -12.49 -3.12 0.36
C4 PLP F . -14.75 -4.02 -0.18
C4A PLP F . -14.33 -5.39 0.19
C5 PLP F . -16.12 -3.66 -0.70
C6 PLP F . -16.39 -2.34 -1.06
C5A PLP F . -17.23 -4.66 -0.86
O4P PLP F . -16.69 -5.97 -0.83
P PLP F . -17.58 -7.28 -1.07
O1P PLP F . -16.91 -8.09 -2.17
O2P PLP F . -17.40 -7.83 0.32
O3P PLP F . -18.97 -6.86 -1.43
MG MG G . -7.06 -26.57 -14.35
#